data_7X2V
#
_entry.id   7X2V
#
loop_
_entity.id
_entity.type
_entity.pdbx_description
1 polymer 'Guanine nucleotide-binding protein G(I)/G(S)/G(O) subunit gamma-2'
2 polymer 'Guanine nucleotide-binding protein G(i) subunit alpha-1'
3 polymer scFv16
4 polymer 'Adhesion G-protein coupled receptor F1'
5 polymer 'Guanine nucleotide-binding protein G(I)/G(S)/G(T) subunit beta-1'
#
loop_
_entity_poly.entity_id
_entity_poly.type
_entity_poly.pdbx_seq_one_letter_code
_entity_poly.pdbx_strand_id
1 'polypeptide(L)' MASNNTASIAQARKLVEQLKMEANIDRIKVSKAAADLMAYCEAHAKEDPLLTPVPASENPFREKKFFCAIL D
2 'polypeptide(L)'
;MGCTLSAEDKAAVERSKMIDRNLREDGEKAAREVKLLLLGAGESGKSTIVKQMKIIHEAGYSEEECKQYKAVVYSNTIQS
IIAIIRAMGRLKIDFGDSARADDARQLFVLAGAAEEGFMTAELAGVIKRLWKDSGVQACFNRSREYQLNDSAAYYLNDLD
RIAQPNYIPTQQDVLRTRVKTTGIVETHFTFKDLHFKMFDVGAQRSERKKWIHCFEGVTAIIFCVALSDYDLVLAEDEEM
NRMHESMKLFDSICNNKWFTDTSIILFLNKKDLFEEKIKKSPLTICYPEYAGSNTYEEAAAYIQCQFEDLNKRKDTKEIY
THFTCSTDTKNVQFVFDAVTDVIIKNNLKDCGLF
;
B
3 'polypeptide(L)'
;VQLVESGGGLVQPGGSRKLSCSASGFAFSSFGMHWVRQAPEKGLEWVAYISSGSGTIYYADTVKGRFTISRDDPKNTLFL
QMTSLRSEDTAMYYCVRSIYYYGSSPFDFWGQGTTLTVSAGGGGSGGGGSGGGGSADIVMTQATSSVPVTPGESVSISCR
SSKSLLHSNGNTYLYWFLQRPGQSPQLLIYRMSNLASGVPDRFSGSGSGTAFTLTISRLEAEDVGVYYCMQHLEYPLTFG
AGTKLEL
;
E
4 'polypeptide(L)'
;MKVGVLWLISFFTFTDGHGGFLGKNDGIKTKKELIVNKKKHLGPVEEYQLLLQVTYRDSKEKRDLRNFLKLLKPPLLWSH
GLIRIIRAKATTDCNSLNGVLQCTCEDSYTWFPPSCLDPQNCYLHTAGALPSCECHLNNLSQSVNFCERTKIWGTFKINE
RFTNDLLNSSSAIYSKYANGIEIQLKKAYERIQGFESVQVTQFRNGSIVAGYEVVGSSSASELLSAIEHVAEKAKTALHK
LFPLEDGSFRVFGKAQCNDIVFGFGSKDDEYTLPCSSGYRGNITAKCESSGWQVIRETCVLSLLEELNKNFSMIVGNATE
AAVSSFVQNLSVIIRQNPSTTVGNLASVVSILSNISSLSLASHFRVSNSTMEDVISIADNILNSASVTNWTVLLREEKYA
SSRLLETLENISTLVPPTALPLNFSRKFIDWKGIPVNKSQLKRGYSYQIKMCPQNTSIPIRGRVLIGSDQFQRSLPETII
SMASLTLGNILPVSKNGNAQVNGPVISTVIQNYSINEVFLFFSKIESNLSQPHCVFWDFSHLQWNDAGCHLVNETQDIVT
CQCTHLTSFSILMSPFVPSTIFPVVKWITYVGLGISIGSLILCLIIEALFWKQIKKSQTSHTRRICMVNIALSLLIADVW
FIVGATVDTTVNPSGVCTAAVFFTHFFYLSLFFWMLMLGILLAYRIILVFHHMAQHLMMAVGFCLGYGCPLIISVITIAV
TQPSNTYKRKDVCWLNWSNGSKPLLAFVVPALAIVAVNFVVVLLVLTKLWRPTVGERLSRDDKATIIRVGKSLLILTPLL
GLTWGFGIGTIVDSQNLAWHVIFALLNAFQGFFILCFGILLDSKLRQLLFNKLSALSSWKQTEKQNSSDLSAKPKFSKPF
NPLQNKGHYAFSHTGDSSDNIMLTQFVSNE
;
R
5 'polypeptide(L)'
;MGSLLQSELDQLRQEAEQLKNQIRDARKACADATLSQITNNIDPVGRIQMRTRRTLRGHLAKIYAMHWGTDSRLLVSASQ
DGKLIIWDSYTTNKVHAIPLRSSWVMTCAYAPSGNYVACGGLDNICSIYNLKTREGNVRVSRELAGHTGYLSCCRFLDDN
QIVTSSGDTTCALWDIETGQQTTTFTGHTGDVMSLSLAPDTRLFVSGACDASAKLWDVREGMCRQTFTGHESDINAICFF
PNGNAFATGSDDATCRLFDLRADQELMTYSHDNIICGITSVSFSKSGRLLLAGYDDFNCNVWDALKADRAGVLAGHDNRV
SCLGVTDDGMAVATGSWDSFLKIWN
;
C
#
# COMPACT_ATOMS: atom_id res chain seq x y z
N ASN A 5 42.85 -10.11 -32.80
CA ASN A 5 42.37 -8.87 -33.41
C ASN A 5 42.28 -7.74 -32.40
N THR A 6 41.67 -6.63 -32.81
CA THR A 6 41.55 -5.47 -31.92
C THR A 6 40.67 -5.80 -30.71
N ALA A 7 39.57 -6.52 -30.92
CA ALA A 7 38.68 -6.87 -29.82
C ALA A 7 39.39 -7.75 -28.79
N SER A 8 40.14 -8.74 -29.25
CA SER A 8 40.86 -9.61 -28.33
C SER A 8 41.91 -8.84 -27.53
N ILE A 9 42.64 -7.93 -28.19
CA ILE A 9 43.64 -7.13 -27.51
C ILE A 9 42.98 -6.24 -26.46
N ALA A 10 41.85 -5.62 -26.82
CA ALA A 10 41.14 -4.76 -25.87
C ALA A 10 40.64 -5.56 -24.66
N GLN A 11 40.08 -6.75 -24.91
CA GLN A 11 39.62 -7.59 -23.82
C GLN A 11 40.77 -8.02 -22.92
N ALA A 12 41.91 -8.39 -23.51
CA ALA A 12 43.07 -8.78 -22.72
C ALA A 12 43.58 -7.62 -21.88
N ARG A 13 43.62 -6.41 -22.46
CA ARG A 13 44.08 -5.25 -21.70
C ARG A 13 43.12 -4.92 -20.56
N LYS A 14 41.82 -5.01 -20.80
CA LYS A 14 40.86 -4.77 -19.73
C LYS A 14 41.00 -5.80 -18.62
N LEU A 15 41.19 -7.07 -18.98
CA LEU A 15 41.40 -8.11 -17.98
C LEU A 15 42.68 -7.84 -17.19
N VAL A 16 43.75 -7.43 -17.87
CA VAL A 16 45.01 -7.14 -17.18
C VAL A 16 44.81 -6.01 -16.17
N GLU A 17 44.15 -4.93 -16.60
CA GLU A 17 43.94 -3.81 -15.69
C GLU A 17 43.09 -4.20 -14.50
N GLN A 18 41.98 -4.90 -14.74
CA GLN A 18 41.08 -5.27 -13.65
C GLN A 18 41.76 -6.23 -12.67
N LEU A 19 42.45 -7.24 -13.18
CA LEU A 19 43.10 -8.21 -12.31
C LEU A 19 44.31 -7.62 -11.60
N LYS A 20 44.98 -6.64 -12.20
CA LYS A 20 46.06 -5.94 -11.50
C LYS A 20 45.52 -5.09 -10.37
N MET A 21 44.40 -4.39 -10.57
CA MET A 21 43.78 -3.61 -9.50
C MET A 21 43.28 -4.51 -8.37
N GLU A 22 42.72 -5.70 -8.75
CA GLU A 22 42.18 -6.60 -7.74
C GLU A 22 43.27 -7.34 -6.98
N ALA A 23 44.38 -7.67 -7.65
CA ALA A 23 45.43 -8.43 -7.00
C ALA A 23 46.16 -7.60 -5.94
N ASN A 24 46.44 -6.34 -6.23
CA ASN A 24 47.21 -5.48 -5.32
C ASN A 24 46.27 -4.81 -4.31
N ILE A 25 45.86 -5.59 -3.32
CA ILE A 25 45.00 -5.12 -2.24
C ILE A 25 45.56 -5.61 -0.92
N ASP A 26 45.49 -4.75 0.10
CA ASP A 26 45.76 -5.17 1.47
C ASP A 26 44.53 -5.90 1.99
N ARG A 27 44.68 -7.17 2.34
CA ARG A 27 43.57 -8.02 2.72
C ARG A 27 43.78 -8.54 4.13
N ILE A 28 42.67 -8.88 4.79
CA ILE A 28 42.69 -9.38 6.15
C ILE A 28 41.90 -10.70 6.20
N LYS A 29 42.14 -11.47 7.25
CA LYS A 29 41.48 -12.74 7.44
C LYS A 29 40.00 -12.55 7.78
N VAL A 30 39.20 -13.57 7.48
CA VAL A 30 37.78 -13.52 7.81
C VAL A 30 37.57 -13.53 9.32
N SER A 31 38.47 -14.18 10.06
CA SER A 31 38.35 -14.19 11.52
C SER A 31 38.51 -12.80 12.12
N LYS A 32 39.42 -11.98 11.58
CA LYS A 32 39.56 -10.61 12.06
C LYS A 32 38.30 -9.81 11.79
N ALA A 33 37.71 -9.99 10.62
CA ALA A 33 36.44 -9.32 10.31
C ALA A 33 35.36 -9.74 11.30
N ALA A 34 35.28 -11.04 11.60
CA ALA A 34 34.29 -11.54 12.54
C ALA A 34 34.51 -10.93 13.93
N ALA A 35 35.77 -10.87 14.37
CA ALA A 35 36.06 -10.32 15.70
C ALA A 35 35.71 -8.85 15.78
N ASP A 36 36.03 -8.08 14.73
CA ASP A 36 35.67 -6.66 14.71
C ASP A 36 34.16 -6.47 14.75
N LEU A 37 33.42 -7.29 13.98
CA LEU A 37 31.97 -7.17 13.98
C LEU A 37 31.39 -7.52 15.34
N MET A 38 31.90 -8.57 15.99
CA MET A 38 31.44 -8.92 17.32
C MET A 38 31.71 -7.80 18.32
N ALA A 39 32.92 -7.22 18.27
CA ALA A 39 33.25 -6.15 19.21
C ALA A 39 32.35 -4.95 19.01
N TYR A 40 32.09 -4.57 17.75
CA TYR A 40 31.20 -3.45 17.50
C TYR A 40 29.80 -3.74 18.01
N CYS A 41 29.30 -4.95 17.74
CA CYS A 41 27.93 -5.29 18.17
C CYS A 41 27.82 -5.30 19.68
N GLU A 42 28.90 -5.65 20.37
CA GLU A 42 28.88 -5.62 21.84
C GLU A 42 28.94 -4.20 22.38
N ALA A 43 29.77 -3.35 21.78
CA ALA A 43 30.02 -2.04 22.36
C ALA A 43 28.77 -1.17 22.38
N HIS A 44 28.00 -1.17 21.29
CA HIS A 44 26.86 -0.27 21.14
C HIS A 44 25.53 -0.95 21.45
N ALA A 45 25.51 -1.88 22.40
CA ALA A 45 24.34 -2.70 22.65
C ALA A 45 23.42 -2.14 23.73
N LYS A 46 23.57 -0.88 24.13
CA LYS A 46 22.76 -0.32 25.20
C LYS A 46 21.71 0.67 24.72
N GLU A 47 21.99 1.43 23.67
CA GLU A 47 21.03 2.36 23.09
C GLU A 47 20.19 1.73 21.99
N ASP A 48 20.08 0.39 21.98
CA ASP A 48 19.36 -0.32 20.93
C ASP A 48 17.99 -0.82 21.38
N PRO A 49 16.91 -0.20 20.96
CA PRO A 49 15.57 -0.60 21.42
C PRO A 49 15.11 -1.98 20.97
N LEU A 50 15.36 -2.39 19.73
CA LEU A 50 14.81 -3.67 19.28
C LEU A 50 15.39 -4.85 20.04
N LEU A 51 16.67 -4.81 20.37
CA LEU A 51 17.26 -5.91 21.12
C LEU A 51 16.78 -5.90 22.58
N THR A 52 16.62 -4.71 23.16
CA THR A 52 16.09 -4.55 24.51
C THR A 52 14.99 -3.50 24.50
N PRO A 53 13.72 -3.91 24.53
CA PRO A 53 12.62 -2.95 24.34
C PRO A 53 12.61 -1.88 25.42
N VAL A 54 12.18 -0.69 25.02
CA VAL A 54 12.16 0.46 25.93
C VAL A 54 11.05 0.17 26.95
N PRO A 55 11.19 0.62 28.21
CA PRO A 55 10.15 0.34 29.21
C PRO A 55 8.86 1.15 29.11
N ALA A 56 8.27 1.22 27.91
CA ALA A 56 6.87 1.61 27.74
C ALA A 56 6.58 3.08 28.04
N SER A 57 7.59 3.83 28.49
CA SER A 57 7.38 5.25 28.76
C SER A 57 8.25 6.14 27.90
N GLU A 58 9.52 5.79 27.73
CA GLU A 58 10.40 6.50 26.81
C GLU A 58 10.26 6.00 25.39
N ASN A 59 9.41 5.02 25.16
CA ASN A 59 9.17 4.47 23.84
C ASN A 59 7.96 5.15 23.25
N PRO A 60 8.09 5.98 22.21
CA PRO A 60 6.91 6.61 21.62
C PRO A 60 5.99 5.63 20.94
N PHE A 61 6.46 4.43 20.60
CA PHE A 61 5.60 3.38 20.08
C PHE A 61 5.13 2.43 21.17
N ARG A 62 5.40 2.75 22.43
CA ARG A 62 5.02 1.91 23.58
C ARG A 62 5.68 0.54 23.50
N THR B 4 -6.02 15.44 25.06
CA THR B 4 -4.71 15.78 25.60
C THR B 4 -3.74 16.17 24.49
N LEU B 5 -4.24 16.90 23.51
CA LEU B 5 -3.45 17.33 22.36
C LEU B 5 -3.37 18.84 22.30
N SER B 6 -2.27 19.35 21.75
CA SER B 6 -2.17 20.75 21.42
C SER B 6 -2.91 21.03 20.10
N ALA B 7 -2.78 22.24 19.58
CA ALA B 7 -3.41 22.54 18.30
C ALA B 7 -2.62 21.94 17.14
N GLU B 8 -1.29 21.95 17.25
CA GLU B 8 -0.43 21.43 16.20
C GLU B 8 -0.67 19.97 15.92
N ASP B 9 -0.87 19.15 16.95
CA ASP B 9 -1.13 17.74 16.75
C ASP B 9 -2.46 17.49 16.04
N LYS B 10 -3.47 18.28 16.36
CA LYS B 10 -4.75 18.16 15.66
C LYS B 10 -4.60 18.54 14.19
N ALA B 11 -3.82 19.58 13.91
CA ALA B 11 -3.58 19.92 12.51
C ALA B 11 -2.81 18.80 11.78
N ALA B 12 -1.84 18.19 12.45
CA ALA B 12 -1.11 17.07 11.86
C ALA B 12 -2.06 15.92 11.53
N VAL B 13 -2.98 15.60 12.45
CA VAL B 13 -3.95 14.54 12.18
C VAL B 13 -4.81 14.89 10.99
N GLU B 14 -5.26 16.14 10.90
CA GLU B 14 -6.09 16.52 9.76
C GLU B 14 -5.34 16.33 8.45
N ARG B 15 -4.08 16.78 8.40
CA ARG B 15 -3.27 16.65 7.19
C ARG B 15 -3.08 15.18 6.80
N SER B 16 -2.78 14.33 7.78
CA SER B 16 -2.58 12.91 7.49
C SER B 16 -3.84 12.27 6.92
N LYS B 17 -4.99 12.56 7.52
CA LYS B 17 -6.22 11.97 7.03
C LYS B 17 -6.54 12.44 5.63
N MET B 18 -6.29 13.71 5.33
CA MET B 18 -6.55 14.21 3.98
C MET B 18 -5.69 13.49 2.96
N ILE B 19 -4.42 13.28 3.31
CA ILE B 19 -3.52 12.55 2.42
C ILE B 19 -4.04 11.14 2.17
N ASP B 20 -4.49 10.45 3.23
CA ASP B 20 -5.01 9.10 3.04
C ASP B 20 -6.25 9.08 2.16
N ARG B 21 -7.12 10.07 2.30
CA ARG B 21 -8.32 10.11 1.46
C ARG B 21 -7.95 10.22 -0.01
N ASN B 22 -7.10 11.19 -0.36
CA ASN B 22 -6.73 11.33 -1.77
C ASN B 22 -5.94 10.12 -2.29
N LEU B 23 -5.06 9.57 -1.47
CA LEU B 23 -4.31 8.38 -1.82
C LEU B 23 -5.22 7.21 -2.16
N ARG B 24 -6.20 6.92 -1.30
CA ARG B 24 -7.10 5.81 -1.55
C ARG B 24 -7.94 6.06 -2.79
N GLU B 25 -8.37 7.30 -3.02
CA GLU B 25 -9.12 7.59 -4.24
C GLU B 25 -8.29 7.30 -5.49
N ASP B 26 -7.04 7.77 -5.50
CA ASP B 26 -6.19 7.54 -6.67
C ASP B 26 -5.90 6.06 -6.86
N GLY B 27 -5.61 5.33 -5.78
CA GLY B 27 -5.37 3.91 -5.89
C GLY B 27 -6.59 3.13 -6.34
N GLU B 28 -7.79 3.58 -5.95
CA GLU B 28 -9.00 2.90 -6.40
C GLU B 28 -9.26 3.14 -7.88
N LYS B 29 -8.99 4.35 -8.37
CA LYS B 29 -9.14 4.58 -9.80
C LYS B 29 -8.03 3.89 -10.59
N ALA B 30 -6.89 3.59 -9.96
CA ALA B 30 -5.80 2.94 -10.66
C ALA B 30 -5.91 1.42 -10.67
N ALA B 31 -7.08 0.87 -10.37
CA ALA B 31 -7.33 -0.57 -10.48
C ALA B 31 -8.38 -0.91 -11.52
N ARG B 32 -8.81 0.05 -12.32
CA ARG B 32 -9.78 -0.15 -13.39
C ARG B 32 -9.12 -0.14 -14.77
N GLU B 33 -7.82 -0.42 -14.84
CA GLU B 33 -7.08 -0.48 -16.08
C GLU B 33 -6.92 -1.92 -16.55
N VAL B 34 -6.52 -2.07 -17.81
CA VAL B 34 -6.21 -3.36 -18.39
C VAL B 34 -4.73 -3.38 -18.71
N LYS B 35 -4.02 -4.38 -18.22
CA LYS B 35 -2.58 -4.49 -18.42
C LYS B 35 -2.25 -5.71 -19.26
N LEU B 36 -1.45 -5.50 -20.32
CA LEU B 36 -1.09 -6.55 -21.24
C LEU B 36 0.39 -6.48 -21.54
N LEU B 37 1.04 -7.64 -21.57
CA LEU B 37 2.45 -7.69 -21.89
C LEU B 37 2.67 -8.35 -23.25
N LEU B 38 3.49 -7.72 -24.11
CA LEU B 38 3.72 -8.23 -25.47
C LEU B 38 5.01 -9.05 -25.52
N LEU B 39 4.94 -10.21 -26.17
CA LEU B 39 6.11 -11.07 -26.34
C LEU B 39 6.09 -11.82 -27.67
N GLY B 40 7.26 -12.32 -28.03
CA GLY B 40 7.47 -12.97 -29.30
C GLY B 40 8.95 -13.17 -29.54
N ALA B 41 9.26 -13.77 -30.68
CA ALA B 41 10.64 -14.03 -31.04
C ALA B 41 11.25 -12.82 -31.73
N GLY B 42 12.57 -12.86 -31.93
CA GLY B 42 13.24 -11.83 -32.69
C GLY B 42 12.98 -12.00 -34.19
N GLU B 43 12.88 -10.87 -34.89
CA GLU B 43 12.55 -10.85 -36.32
C GLU B 43 11.26 -11.60 -36.60
N SER B 44 10.31 -11.50 -35.66
CA SER B 44 9.07 -12.27 -35.73
C SER B 44 8.01 -11.63 -36.61
N GLY B 45 8.27 -10.44 -37.16
CA GLY B 45 7.22 -9.69 -37.78
C GLY B 45 6.25 -9.09 -36.79
N LYS B 46 6.60 -9.08 -35.50
CA LYS B 46 5.69 -8.57 -34.48
C LYS B 46 5.47 -7.07 -34.61
N SER B 47 6.28 -6.40 -35.44
CA SER B 47 6.10 -4.96 -35.63
C SER B 47 4.76 -4.66 -36.27
N THR B 48 4.36 -5.43 -37.27
CA THR B 48 3.07 -5.22 -37.92
C THR B 48 1.93 -5.41 -36.93
N ILE B 49 2.02 -6.45 -36.08
CA ILE B 49 0.97 -6.69 -35.10
C ILE B 49 0.96 -5.52 -34.13
N VAL B 50 2.13 -5.12 -33.63
CA VAL B 50 2.19 -4.05 -32.64
C VAL B 50 1.55 -2.78 -33.19
N LYS B 51 1.86 -2.44 -34.44
CA LYS B 51 1.27 -1.23 -35.02
C LYS B 51 -0.24 -1.38 -35.23
N GLN B 52 -0.67 -2.48 -35.88
CA GLN B 52 -2.07 -2.59 -36.26
C GLN B 52 -2.95 -2.96 -35.08
N MET B 53 -2.43 -3.72 -34.13
CA MET B 53 -3.26 -4.37 -33.14
C MET B 53 -3.80 -3.37 -32.12
N LYS B 54 -2.95 -2.47 -31.64
CA LYS B 54 -3.37 -1.31 -30.85
C LYS B 54 -4.07 -1.73 -29.55
N ILE B 55 -4.00 -3.01 -29.22
CA ILE B 55 -4.73 -3.52 -28.07
C ILE B 55 -3.90 -4.54 -27.29
N THR B 182 16.02 3.82 -23.52
CA THR B 182 15.27 2.63 -23.85
C THR B 182 14.24 2.32 -22.75
N GLY B 183 14.49 1.23 -22.03
CA GLY B 183 13.62 0.89 -20.92
C GLY B 183 12.42 0.08 -21.39
N ILE B 184 11.25 0.68 -21.32
CA ILE B 184 10.01 0.06 -21.72
C ILE B 184 9.26 0.99 -22.65
N VAL B 185 8.72 0.45 -23.72
CA VAL B 185 7.81 1.17 -24.58
C VAL B 185 6.41 0.98 -24.01
N GLU B 186 5.98 1.96 -23.24
CA GLU B 186 4.63 2.01 -22.69
C GLU B 186 3.67 2.46 -23.77
N THR B 187 3.17 1.53 -24.57
CA THR B 187 2.20 1.88 -25.58
C THR B 187 0.83 1.92 -24.92
N HIS B 188 0.27 3.11 -24.80
CA HIS B 188 -1.05 3.30 -24.21
C HIS B 188 -2.10 3.34 -25.29
N PHE B 189 -3.26 2.76 -25.01
CA PHE B 189 -4.38 2.85 -25.92
C PHE B 189 -5.67 2.95 -25.11
N THR B 190 -6.67 3.59 -25.69
CA THR B 190 -8.01 3.59 -25.12
C THR B 190 -8.95 2.94 -26.12
N PHE B 191 -9.55 1.81 -25.72
CA PHE B 191 -10.44 1.06 -26.61
C PHE B 191 -11.59 0.51 -25.79
N LYS B 192 -12.81 0.69 -26.30
CA LYS B 192 -14.03 0.27 -25.61
C LYS B 192 -14.01 0.71 -24.15
N ASP B 193 -13.67 1.98 -23.94
CA ASP B 193 -13.66 2.65 -22.63
C ASP B 193 -12.66 2.05 -21.67
N LEU B 194 -11.88 1.06 -22.09
CA LEU B 194 -10.86 0.47 -21.25
C LEU B 194 -9.49 0.96 -21.67
N HIS B 195 -8.61 1.12 -20.69
CA HIS B 195 -7.27 1.64 -20.89
C HIS B 195 -6.30 0.47 -20.99
N PHE B 196 -5.83 0.19 -22.19
CA PHE B 196 -4.89 -0.89 -22.43
C PHE B 196 -3.49 -0.35 -22.28
N LYS B 197 -2.75 -0.89 -21.33
CA LYS B 197 -1.32 -0.64 -21.21
C LYS B 197 -0.62 -1.82 -21.85
N MET B 198 -0.20 -1.64 -23.11
CA MET B 198 0.63 -2.58 -23.82
C MET B 198 2.08 -2.27 -23.48
N PHE B 199 2.68 -3.11 -22.68
CA PHE B 199 4.09 -2.96 -22.36
C PHE B 199 4.84 -3.74 -23.41
N ASP B 200 5.55 -3.03 -24.28
CA ASP B 200 6.55 -3.63 -25.15
C ASP B 200 7.87 -3.51 -24.42
N VAL B 201 8.45 -4.65 -24.09
CA VAL B 201 9.72 -4.69 -23.37
C VAL B 201 10.83 -5.22 -24.25
N GLY B 202 10.70 -5.07 -25.57
CA GLY B 202 11.66 -5.63 -26.51
C GLY B 202 13.00 -4.92 -26.55
N ALA B 203 13.11 -3.73 -25.96
CA ALA B 203 14.38 -3.02 -25.94
C ALA B 203 15.33 -3.57 -24.88
N GLN B 204 14.87 -4.43 -23.99
CA GLN B 204 15.68 -4.96 -22.91
C GLN B 204 16.47 -6.17 -23.37
N ARG B 205 17.68 -6.31 -22.82
CA ARG B 205 18.61 -7.38 -23.18
C ARG B 205 19.01 -8.13 -21.93
N SER B 206 18.02 -8.50 -21.13
CA SER B 206 18.25 -9.17 -19.86
C SER B 206 17.42 -10.44 -19.81
N GLU B 207 17.82 -11.36 -18.93
CA GLU B 207 17.01 -12.55 -18.68
C GLU B 207 15.64 -12.14 -18.19
N ARG B 208 14.61 -12.81 -18.70
CA ARG B 208 13.26 -12.45 -18.31
C ARG B 208 12.95 -12.85 -16.87
N LYS B 209 13.86 -13.59 -16.23
CA LYS B 209 13.57 -14.10 -14.89
C LYS B 209 13.74 -13.04 -13.79
N LYS B 210 14.22 -11.86 -14.12
CA LYS B 210 14.45 -10.82 -13.12
C LYS B 210 13.49 -9.64 -13.22
N TRP B 211 12.73 -9.53 -14.30
CA TRP B 211 11.88 -8.36 -14.43
C TRP B 211 10.50 -8.66 -14.99
N ILE B 212 10.15 -9.93 -15.17
CA ILE B 212 8.81 -10.23 -15.70
C ILE B 212 7.78 -10.32 -14.59
N HIS B 213 8.17 -10.78 -13.40
CA HIS B 213 7.21 -10.99 -12.32
C HIS B 213 6.51 -9.71 -11.91
N CYS B 214 7.07 -8.57 -12.24
CA CYS B 214 6.43 -7.30 -11.94
C CYS B 214 5.07 -7.15 -12.62
N PHE B 215 4.79 -7.95 -13.66
CA PHE B 215 3.53 -7.84 -14.39
C PHE B 215 2.51 -8.88 -13.91
N GLU B 216 2.75 -9.53 -12.76
CA GLU B 216 1.94 -10.68 -12.37
C GLU B 216 0.47 -10.33 -12.20
N GLY B 217 0.11 -9.07 -12.31
CA GLY B 217 -1.29 -8.73 -12.27
C GLY B 217 -1.89 -8.47 -13.63
N VAL B 218 -1.14 -8.68 -14.71
CA VAL B 218 -1.69 -8.41 -16.03
C VAL B 218 -2.79 -9.41 -16.34
N THR B 219 -3.77 -8.97 -17.12
CA THR B 219 -4.82 -9.87 -17.56
C THR B 219 -4.34 -10.79 -18.68
N ALA B 220 -3.37 -10.36 -19.48
CA ALA B 220 -3.11 -11.04 -20.74
C ALA B 220 -1.65 -10.92 -21.18
N ILE B 221 -1.17 -12.00 -21.81
CA ILE B 221 0.08 -11.96 -22.56
C ILE B 221 -0.26 -12.13 -24.04
N ILE B 222 0.14 -11.15 -24.86
CA ILE B 222 -0.10 -11.20 -26.30
C ILE B 222 1.16 -11.70 -26.99
N PHE B 223 1.02 -12.74 -27.80
CA PHE B 223 2.13 -13.48 -28.35
C PHE B 223 2.08 -13.41 -29.86
N CYS B 224 3.21 -13.15 -30.50
CA CYS B 224 3.21 -13.03 -31.96
C CYS B 224 4.22 -13.96 -32.59
N VAL B 225 3.77 -14.77 -33.54
CA VAL B 225 4.65 -15.67 -34.31
C VAL B 225 4.15 -15.71 -35.75
N ALA B 226 5.08 -15.93 -36.68
CA ALA B 226 4.82 -15.86 -38.12
C ALA B 226 4.75 -17.24 -38.75
N LEU B 227 3.78 -17.41 -39.67
CA LEU B 227 3.67 -18.61 -40.49
C LEU B 227 4.71 -18.68 -41.60
N SER B 228 5.18 -17.54 -42.09
CA SER B 228 5.97 -17.52 -43.32
C SER B 228 7.22 -18.38 -43.20
N ASP B 229 7.86 -18.36 -42.04
CA ASP B 229 9.08 -19.15 -41.84
C ASP B 229 8.75 -20.56 -41.39
N TYR B 230 7.90 -21.24 -42.15
CA TYR B 230 7.52 -22.61 -41.83
C TYR B 230 8.62 -23.60 -42.18
N ASP B 231 9.52 -23.23 -43.09
CA ASP B 231 10.65 -24.09 -43.45
C ASP B 231 11.94 -23.30 -43.67
N LEU B 232 11.95 -22.02 -43.31
CA LEU B 232 13.11 -21.14 -43.54
C LEU B 232 14.07 -21.27 -42.37
N VAL B 233 15.24 -21.84 -42.63
CA VAL B 233 16.20 -22.10 -41.57
C VAL B 233 16.98 -20.83 -41.27
N LEU B 234 16.85 -20.34 -40.03
CA LEU B 234 17.59 -19.18 -39.59
C LEU B 234 19.01 -19.52 -39.16
N ALA B 235 19.33 -20.80 -39.05
CA ALA B 235 20.64 -21.23 -38.61
C ALA B 235 21.23 -22.23 -39.61
N MET B 240 17.46 -24.21 -35.74
CA MET B 240 17.38 -24.38 -37.18
C MET B 240 16.38 -23.41 -37.80
N ASN B 241 15.09 -23.74 -37.75
CA ASN B 241 14.05 -22.92 -38.33
C ASN B 241 13.33 -22.09 -37.27
N ARG B 242 12.40 -21.25 -37.72
CA ARG B 242 11.77 -20.28 -36.83
C ARG B 242 10.72 -20.94 -35.94
N MET B 243 9.92 -21.85 -36.50
CA MET B 243 8.75 -22.36 -35.78
C MET B 243 9.14 -23.15 -34.53
N HIS B 244 10.26 -23.87 -34.57
CA HIS B 244 10.66 -24.63 -33.39
C HIS B 244 10.93 -23.70 -32.20
N GLU B 245 11.64 -22.60 -32.44
CA GLU B 245 11.97 -21.71 -31.33
C GLU B 245 10.75 -20.88 -30.90
N SER B 246 9.87 -20.54 -31.84
CA SER B 246 8.61 -19.92 -31.44
C SER B 246 7.80 -20.84 -30.55
N MET B 247 7.75 -22.14 -30.87
CA MET B 247 7.05 -23.07 -30.01
C MET B 247 7.74 -23.21 -28.66
N LYS B 248 9.07 -23.15 -28.64
CA LYS B 248 9.77 -23.13 -27.36
C LYS B 248 9.34 -21.93 -26.52
N LEU B 249 9.22 -20.75 -27.15
CA LEU B 249 8.76 -19.58 -26.41
C LEU B 249 7.34 -19.74 -25.89
N PHE B 250 6.44 -20.30 -26.71
CA PHE B 250 5.05 -20.45 -26.26
C PHE B 250 4.97 -21.42 -25.10
N ASP B 251 5.72 -22.52 -25.17
CA ASP B 251 5.78 -23.47 -24.06
C ASP B 251 6.36 -22.81 -22.82
N SER B 252 7.41 -22.01 -22.99
CA SER B 252 8.06 -21.40 -21.83
C SER B 252 7.13 -20.41 -21.15
N ILE B 253 6.36 -19.65 -21.93
CA ILE B 253 5.42 -18.70 -21.35
C ILE B 253 4.27 -19.45 -20.67
N CYS B 254 3.82 -20.58 -21.25
CA CYS B 254 2.67 -21.27 -20.68
C CYS B 254 2.94 -21.78 -19.26
N ASN B 255 4.03 -22.50 -19.05
CA ASN B 255 4.29 -23.16 -17.77
C ASN B 255 5.10 -22.29 -16.81
N ASN B 256 5.19 -20.99 -17.07
CA ASN B 256 5.89 -20.07 -16.19
C ASN B 256 5.06 -19.91 -14.92
N LYS B 257 5.68 -20.08 -13.75
CA LYS B 257 4.93 -20.26 -12.52
C LYS B 257 4.16 -19.01 -12.09
N TRP B 258 4.56 -17.82 -12.55
CA TRP B 258 3.76 -16.63 -12.26
C TRP B 258 2.51 -16.56 -13.10
N PHE B 259 2.50 -17.24 -14.24
CA PHE B 259 1.39 -17.16 -15.17
C PHE B 259 0.48 -18.38 -15.07
N THR B 260 0.30 -18.88 -13.84
CA THR B 260 -0.56 -20.03 -13.61
C THR B 260 -2.02 -19.72 -13.97
N ASP B 261 -2.50 -18.55 -13.59
CA ASP B 261 -3.90 -18.19 -13.77
C ASP B 261 -4.10 -17.07 -14.78
N THR B 262 -3.12 -16.81 -15.64
CA THR B 262 -3.16 -15.69 -16.56
C THR B 262 -3.20 -16.22 -18.00
N SER B 263 -4.10 -15.67 -18.79
CA SER B 263 -4.34 -16.19 -20.13
C SER B 263 -3.32 -15.68 -21.15
N ILE B 264 -3.11 -16.50 -22.17
CA ILE B 264 -2.16 -16.23 -23.24
C ILE B 264 -2.92 -16.19 -24.56
N ILE B 265 -2.91 -15.03 -25.21
CA ILE B 265 -3.56 -14.86 -26.50
C ILE B 265 -2.49 -14.93 -27.59
N LEU B 266 -2.74 -15.73 -28.63
CA LEU B 266 -1.75 -16.08 -29.64
C LEU B 266 -2.16 -15.58 -31.02
N PHE B 267 -1.22 -14.93 -31.71
CA PHE B 267 -1.36 -14.54 -33.10
C PHE B 267 -0.36 -15.32 -33.96
N LEU B 268 -0.87 -15.98 -34.99
CA LEU B 268 -0.07 -16.56 -36.04
C LEU B 268 -0.26 -15.59 -37.19
N ASN B 269 0.83 -15.28 -37.90
CA ASN B 269 0.77 -14.20 -38.88
C ASN B 269 1.44 -14.62 -40.20
N LYS B 270 1.44 -13.68 -41.16
CA LYS B 270 1.98 -13.94 -42.48
C LYS B 270 1.36 -15.19 -43.10
N LYS B 271 0.06 -15.12 -43.37
CA LYS B 271 -0.66 -16.26 -43.93
C LYS B 271 -0.80 -16.20 -45.44
N ASP B 272 -0.88 -15.00 -46.04
CA ASP B 272 -0.94 -14.91 -47.50
C ASP B 272 0.35 -15.36 -48.14
N LEU B 273 1.49 -14.89 -47.65
CA LEU B 273 2.78 -15.37 -48.13
C LEU B 273 2.93 -16.87 -47.91
N PHE B 274 2.30 -17.40 -46.86
CA PHE B 274 2.33 -18.84 -46.63
C PHE B 274 1.54 -19.59 -47.70
N GLU B 275 0.33 -19.11 -48.00
CA GLU B 275 -0.48 -19.77 -49.02
C GLU B 275 0.20 -19.71 -50.37
N GLU B 276 0.89 -18.61 -50.66
CA GLU B 276 1.69 -18.53 -51.88
C GLU B 276 2.88 -19.49 -51.83
N LYS B 277 3.57 -19.57 -50.68
CA LYS B 277 4.86 -20.25 -50.61
C LYS B 277 4.75 -21.76 -50.52
N ILE B 278 3.68 -22.29 -49.93
CA ILE B 278 3.50 -23.74 -49.84
C ILE B 278 3.36 -24.39 -51.20
N LYS B 279 3.19 -23.59 -52.26
CA LYS B 279 3.04 -24.13 -53.60
C LYS B 279 4.28 -24.88 -54.06
N LYS B 280 5.42 -24.62 -53.43
CA LYS B 280 6.66 -25.30 -53.79
C LYS B 280 7.24 -26.14 -52.67
N SER B 281 7.00 -25.79 -51.41
CA SER B 281 7.56 -26.55 -50.31
C SER B 281 6.76 -27.82 -50.07
N PRO B 282 7.40 -28.90 -49.61
CA PRO B 282 6.65 -30.13 -49.30
C PRO B 282 6.01 -30.14 -47.93
N LEU B 283 6.26 -29.11 -47.10
CA LEU B 283 5.64 -28.91 -45.80
C LEU B 283 6.19 -29.90 -44.79
N THR B 284 6.78 -30.99 -45.26
CA THR B 284 7.25 -32.04 -44.35
C THR B 284 8.64 -31.77 -43.82
N ILE B 285 9.28 -30.66 -44.25
CA ILE B 285 10.64 -30.38 -43.83
C ILE B 285 10.70 -30.15 -42.33
N CYS B 286 9.80 -29.33 -41.80
CA CYS B 286 9.75 -29.01 -40.38
C CYS B 286 9.02 -30.06 -39.56
N TYR B 287 8.06 -30.75 -40.16
CA TYR B 287 7.23 -31.74 -39.47
C TYR B 287 7.22 -33.10 -40.15
N PRO B 288 8.33 -33.84 -40.06
CA PRO B 288 8.47 -35.10 -40.81
C PRO B 288 7.69 -36.24 -40.18
N GLU B 289 6.45 -35.96 -39.76
CA GLU B 289 5.54 -37.01 -39.31
C GLU B 289 4.13 -36.77 -39.84
N TYR B 290 3.89 -35.64 -40.49
CA TYR B 290 2.59 -35.36 -41.08
C TYR B 290 2.57 -35.76 -42.54
N ALA B 291 1.45 -36.34 -42.97
CA ALA B 291 1.29 -36.76 -44.36
C ALA B 291 -0.11 -36.39 -44.87
N GLY B 292 -0.55 -35.18 -44.56
CA GLY B 292 -1.88 -34.74 -44.93
C GLY B 292 -1.94 -34.14 -46.32
N SER B 293 -3.12 -33.63 -46.65
CA SER B 293 -3.34 -33.06 -47.98
C SER B 293 -2.62 -31.72 -48.12
N ASN B 294 -1.97 -31.52 -49.27
CA ASN B 294 -1.13 -30.35 -49.48
C ASN B 294 -1.95 -29.18 -50.02
N THR B 295 -2.88 -28.72 -49.17
CA THR B 295 -3.61 -27.49 -49.42
C THR B 295 -3.38 -26.53 -48.26
N TYR B 296 -3.92 -25.32 -48.38
CA TYR B 296 -3.68 -24.28 -47.38
C TYR B 296 -4.29 -24.64 -46.04
N GLU B 297 -5.56 -25.03 -46.04
CA GLU B 297 -6.29 -25.20 -44.78
C GLU B 297 -5.72 -26.35 -43.96
N GLU B 298 -5.28 -27.42 -44.64
CA GLU B 298 -4.75 -28.58 -43.93
C GLU B 298 -3.47 -28.25 -43.17
N ALA B 299 -2.50 -27.67 -43.84
CA ALA B 299 -1.25 -27.28 -43.20
C ALA B 299 -1.49 -26.22 -42.14
N ALA B 300 -2.39 -25.26 -42.40
CA ALA B 300 -2.71 -24.24 -41.40
C ALA B 300 -3.33 -24.87 -40.17
N ALA B 301 -4.19 -25.87 -40.35
CA ALA B 301 -4.78 -26.58 -39.21
C ALA B 301 -3.71 -27.28 -38.40
N TYR B 302 -2.73 -27.90 -39.06
CA TYR B 302 -1.63 -28.46 -38.28
C TYR B 302 -0.88 -27.39 -37.51
N ILE B 303 -0.58 -26.25 -38.15
CA ILE B 303 0.16 -25.22 -37.46
C ILE B 303 -0.57 -24.76 -36.21
N GLN B 304 -1.88 -24.50 -36.35
CA GLN B 304 -2.66 -24.01 -35.22
C GLN B 304 -2.78 -25.05 -34.12
N CYS B 305 -3.05 -26.31 -34.48
CA CYS B 305 -3.16 -27.33 -33.45
C CYS B 305 -1.84 -27.55 -32.74
N GLN B 306 -0.73 -27.55 -33.49
CA GLN B 306 0.56 -27.77 -32.88
C GLN B 306 0.93 -26.64 -31.94
N PHE B 307 0.51 -25.41 -32.26
CA PHE B 307 0.71 -24.31 -31.32
C PHE B 307 -0.17 -24.46 -30.09
N GLU B 308 -1.43 -24.88 -30.26
CA GLU B 308 -2.34 -25.00 -29.12
C GLU B 308 -2.01 -26.20 -28.24
N ASP B 309 -1.16 -27.11 -28.72
CA ASP B 309 -0.87 -28.36 -28.03
C ASP B 309 -0.18 -28.29 -26.67
N LEU B 310 0.68 -27.31 -26.41
CA LEU B 310 1.65 -27.46 -25.32
C LEU B 310 1.11 -27.08 -23.95
N ASN B 311 -0.17 -26.78 -23.82
CA ASN B 311 -0.78 -26.45 -22.54
C ASN B 311 -0.72 -27.68 -21.65
N LYS B 312 -0.11 -27.53 -20.49
CA LYS B 312 -0.11 -28.60 -19.50
C LYS B 312 -1.19 -28.41 -18.44
N ARG B 313 -1.88 -27.26 -18.44
CA ARG B 313 -2.73 -26.85 -17.32
C ARG B 313 -4.06 -26.29 -17.80
N LYS B 314 -4.76 -27.03 -18.67
CA LYS B 314 -6.09 -26.59 -19.12
C LYS B 314 -7.08 -26.41 -17.98
N ASP B 315 -6.70 -26.78 -16.75
CA ASP B 315 -7.60 -26.64 -15.62
C ASP B 315 -7.79 -25.19 -15.19
N THR B 316 -6.77 -24.34 -15.35
CA THR B 316 -6.83 -22.96 -14.86
C THR B 316 -6.79 -21.93 -15.99
N LYS B 317 -5.79 -21.99 -16.85
CA LYS B 317 -5.67 -21.08 -17.97
C LYS B 317 -6.02 -21.81 -19.25
N GLU B 318 -6.37 -21.04 -20.26
CA GLU B 318 -6.58 -21.58 -21.60
C GLU B 318 -5.86 -20.69 -22.61
N ILE B 319 -5.34 -21.31 -23.66
CA ILE B 319 -4.68 -20.61 -24.75
C ILE B 319 -5.67 -20.39 -25.86
N TYR B 320 -5.68 -19.19 -26.43
CA TYR B 320 -6.58 -18.86 -27.51
C TYR B 320 -5.74 -18.68 -28.78
N THR B 321 -6.13 -19.35 -29.86
CA THR B 321 -5.39 -19.31 -31.11
C THR B 321 -6.13 -18.45 -32.12
N HIS B 322 -5.36 -17.73 -32.93
CA HIS B 322 -5.90 -16.83 -33.93
C HIS B 322 -4.79 -16.47 -34.90
N PHE B 323 -5.17 -16.27 -36.16
CA PHE B 323 -4.24 -15.92 -37.21
C PHE B 323 -4.48 -14.50 -37.70
N THR B 324 -3.38 -13.78 -37.96
CA THR B 324 -3.45 -12.35 -38.18
C THR B 324 -4.22 -11.99 -39.44
N CYS B 325 -5.25 -11.17 -39.30
CA CYS B 325 -6.15 -10.79 -40.38
C CYS B 325 -5.74 -9.39 -40.84
N SER B 326 -4.79 -9.34 -41.78
CA SER B 326 -4.18 -8.08 -42.17
C SER B 326 -5.18 -7.09 -42.75
N THR B 327 -6.30 -7.56 -43.30
CA THR B 327 -7.32 -6.68 -43.86
C THR B 327 -8.53 -6.55 -42.95
N ASP B 328 -8.40 -6.95 -41.69
CA ASP B 328 -9.52 -6.96 -40.76
C ASP B 328 -9.08 -6.34 -39.45
N THR B 329 -10.07 -5.95 -38.64
CA THR B 329 -9.84 -5.53 -37.27
C THR B 329 -10.14 -6.62 -36.28
N LYS B 330 -10.16 -7.88 -36.72
CA LYS B 330 -10.35 -9.00 -35.80
C LYS B 330 -9.21 -9.11 -34.81
N ASN B 331 -8.00 -8.65 -35.18
CA ASN B 331 -6.86 -8.68 -34.27
C ASN B 331 -7.14 -7.90 -33.00
N VAL B 332 -8.04 -6.93 -33.04
CA VAL B 332 -8.42 -6.16 -31.86
C VAL B 332 -9.53 -6.86 -31.09
N GLN B 333 -10.56 -7.33 -31.80
CA GLN B 333 -11.73 -7.91 -31.15
C GLN B 333 -11.40 -9.20 -30.43
N PHE B 334 -10.54 -10.04 -31.00
CA PHE B 334 -10.14 -11.26 -30.30
C PHE B 334 -9.48 -10.95 -28.96
N VAL B 335 -8.56 -9.99 -28.95
CA VAL B 335 -7.87 -9.64 -27.72
C VAL B 335 -8.83 -9.06 -26.71
N PHE B 336 -9.74 -8.20 -27.18
CA PHE B 336 -10.73 -7.61 -26.27
C PHE B 336 -11.60 -8.69 -25.63
N ASP B 337 -12.02 -9.68 -26.43
CA ASP B 337 -12.86 -10.74 -25.90
C ASP B 337 -12.13 -11.59 -24.87
N ALA B 338 -10.87 -11.91 -25.14
CA ALA B 338 -10.09 -12.68 -24.16
C ALA B 338 -9.95 -11.92 -22.86
N VAL B 339 -9.70 -10.61 -22.93
CA VAL B 339 -9.59 -9.82 -21.71
C VAL B 339 -10.91 -9.84 -20.94
N THR B 340 -12.03 -9.64 -21.64
CA THR B 340 -13.34 -9.66 -20.99
C THR B 340 -13.58 -10.98 -20.28
N ASP B 341 -13.23 -12.09 -20.93
CA ASP B 341 -13.47 -13.39 -20.32
C ASP B 341 -12.64 -13.59 -19.07
N VAL B 342 -11.36 -13.16 -19.09
CA VAL B 342 -10.58 -13.30 -17.86
C VAL B 342 -11.17 -12.43 -16.76
N ILE B 343 -11.70 -11.26 -17.12
CA ILE B 343 -12.30 -10.37 -16.12
C ILE B 343 -13.54 -11.02 -15.48
N ILE B 344 -14.40 -11.63 -16.30
CA ILE B 344 -15.58 -12.31 -15.74
C ILE B 344 -15.16 -13.45 -14.84
N LYS B 345 -14.16 -14.23 -15.26
CA LYS B 345 -13.65 -15.28 -14.38
C LYS B 345 -13.20 -14.72 -13.05
N ASN B 346 -12.55 -13.55 -13.08
CA ASN B 346 -12.08 -12.94 -11.85
C ASN B 346 -13.25 -12.56 -10.94
N ASN B 347 -14.24 -11.86 -11.48
CA ASN B 347 -15.36 -11.40 -10.67
C ASN B 347 -16.20 -12.56 -10.19
N LEU B 348 -16.16 -13.68 -10.91
CA LEU B 348 -16.91 -14.87 -10.50
C LEU B 348 -16.19 -15.67 -9.43
N LYS B 349 -14.85 -15.77 -9.50
CA LYS B 349 -14.15 -16.48 -8.44
C LYS B 349 -13.86 -15.55 -7.26
N ASP B 350 -14.26 -14.27 -7.35
CA ASP B 350 -14.26 -13.40 -6.18
C ASP B 350 -15.40 -13.71 -5.21
N CYS B 351 -16.43 -14.42 -5.66
CA CYS B 351 -17.56 -14.79 -4.80
C CYS B 351 -17.34 -16.14 -4.12
N GLY B 352 -16.20 -16.77 -4.32
CA GLY B 352 -15.91 -18.05 -3.69
C GLY B 352 -16.11 -19.27 -4.56
N LEU B 353 -16.79 -19.13 -5.69
CA LEU B 353 -16.99 -20.25 -6.61
C LEU B 353 -15.65 -20.82 -7.09
N VAL C 1 8.03 34.41 -2.10
CA VAL C 1 6.68 34.20 -1.58
C VAL C 1 6.06 35.57 -1.31
N GLN C 2 4.80 35.77 -1.71
CA GLN C 2 4.19 37.08 -1.55
C GLN C 2 2.78 36.95 -0.98
N LEU C 3 2.51 37.73 0.07
CA LEU C 3 1.20 37.81 0.70
C LEU C 3 0.81 39.28 0.72
N VAL C 4 -0.45 39.59 0.40
CA VAL C 4 -0.90 40.97 0.37
C VAL C 4 -2.27 41.05 1.05
N GLU C 5 -2.42 41.98 1.99
CA GLU C 5 -3.71 42.31 2.59
C GLU C 5 -4.49 43.22 1.65
N SER C 6 -5.79 43.35 1.92
CA SER C 6 -6.61 44.30 1.17
C SER C 6 -7.95 44.45 1.88
N GLY C 7 -8.60 45.60 1.65
CA GLY C 7 -9.98 45.79 2.06
C GLY C 7 -10.22 46.64 3.28
N GLY C 8 -9.22 47.39 3.75
CA GLY C 8 -9.38 48.21 4.92
C GLY C 8 -10.02 49.56 4.62
N GLY C 9 -9.94 50.45 5.59
CA GLY C 9 -10.46 51.79 5.46
C GLY C 9 -11.04 52.30 6.76
N LEU C 10 -11.88 53.33 6.64
CA LEU C 10 -12.54 53.97 7.77
C LEU C 10 -14.00 53.55 7.82
N VAL C 11 -14.43 53.06 8.99
CA VAL C 11 -15.81 52.61 9.17
C VAL C 11 -16.33 53.09 10.52
N GLN C 12 -17.58 53.55 10.52
CA GLN C 12 -18.32 53.90 11.72
C GLN C 12 -18.72 52.65 12.49
N PRO C 13 -19.06 52.78 13.77
CA PRO C 13 -19.56 51.61 14.51
C PRO C 13 -20.82 51.06 13.85
N GLY C 14 -20.96 49.73 13.91
CA GLY C 14 -22.06 49.07 13.24
C GLY C 14 -21.71 48.70 11.82
N GLY C 15 -22.69 48.26 11.04
CA GLY C 15 -22.40 47.85 9.68
C GLY C 15 -21.56 46.59 9.66
N SER C 16 -20.69 46.49 8.66
CA SER C 16 -19.85 45.30 8.52
C SER C 16 -18.59 45.65 7.73
N ARG C 17 -17.60 44.76 7.84
CA ARG C 17 -16.34 44.90 7.11
C ARG C 17 -15.91 43.52 6.62
N LYS C 18 -15.11 43.51 5.56
CA LYS C 18 -14.58 42.28 5.01
C LYS C 18 -13.16 42.50 4.51
N LEU C 19 -12.19 41.93 5.21
CA LEU C 19 -10.79 42.05 4.83
C LEU C 19 -10.35 40.80 4.09
N SER C 20 -9.75 41.00 2.91
CA SER C 20 -9.38 39.91 2.04
C SER C 20 -7.86 39.85 1.92
N CYS C 21 -7.37 38.70 1.51
CA CYS C 21 -5.94 38.46 1.39
C CYS C 21 -5.67 37.74 0.08
N SER C 22 -4.78 38.31 -0.73
CA SER C 22 -4.36 37.75 -2.01
C SER C 22 -2.94 37.22 -1.87
N ALA C 23 -2.75 35.96 -2.24
CA ALA C 23 -1.48 35.29 -2.07
C ALA C 23 -0.96 34.83 -3.42
N SER C 24 0.36 34.91 -3.60
CA SER C 24 0.94 34.61 -4.89
C SER C 24 2.37 34.12 -4.69
N GLY C 25 2.74 33.12 -5.48
CA GLY C 25 4.10 32.63 -5.45
C GLY C 25 4.32 31.41 -4.60
N PHE C 26 3.27 30.69 -4.21
CA PHE C 26 3.42 29.52 -3.36
C PHE C 26 2.14 28.69 -3.43
N ALA C 27 2.18 27.51 -2.81
CA ALA C 27 1.07 26.57 -2.85
C ALA C 27 0.06 26.92 -1.76
N PHE C 28 -0.93 27.72 -2.15
CA PHE C 28 -1.89 28.29 -1.21
C PHE C 28 -2.78 27.27 -0.51
N SER C 29 -3.12 26.18 -1.20
CA SER C 29 -4.13 25.25 -0.70
C SER C 29 -3.56 24.14 0.18
N SER C 30 -2.38 24.34 0.77
CA SER C 30 -1.82 23.37 1.68
C SER C 30 -1.45 23.96 3.05
N PHE C 31 -1.60 25.27 3.23
CA PHE C 31 -1.24 25.94 4.48
C PHE C 31 -2.48 26.23 5.31
N GLY C 32 -2.24 26.56 6.60
CA GLY C 32 -3.25 27.11 7.46
C GLY C 32 -3.03 28.59 7.74
N MET C 33 -4.12 29.30 8.01
CA MET C 33 -4.12 30.76 8.01
C MET C 33 -4.61 31.33 9.33
N HIS C 34 -4.03 32.47 9.72
CA HIS C 34 -4.45 33.25 10.87
C HIS C 34 -4.71 34.70 10.46
N TRP C 35 -5.53 35.40 11.24
CA TRP C 35 -5.58 36.86 11.23
C TRP C 35 -5.20 37.38 12.62
N VAL C 36 -4.25 38.35 12.63
CA VAL C 36 -3.69 38.97 13.83
C VAL C 36 -3.76 40.48 13.67
N ARG C 37 -4.16 41.19 14.74
CA ARG C 37 -4.32 42.64 14.69
C ARG C 37 -3.48 43.33 15.75
N GLN C 38 -3.27 44.63 15.57
CA GLN C 38 -2.42 45.46 16.43
C GLN C 38 -3.13 46.77 16.71
N ALA C 39 -2.94 47.28 17.92
CA ALA C 39 -3.59 48.51 18.34
C ALA C 39 -2.95 49.72 17.65
N PRO C 40 -3.64 50.86 17.58
CA PRO C 40 -3.05 52.02 16.89
C PRO C 40 -1.74 52.50 17.50
N GLU C 41 -1.51 52.29 18.78
CA GLU C 41 -0.26 52.68 19.42
C GLU C 41 0.25 51.64 20.42
N LYS C 42 -0.25 50.41 20.37
CA LYS C 42 0.05 49.44 21.41
C LYS C 42 0.30 48.06 20.84
N GLY C 43 0.29 47.04 21.72
CA GLY C 43 0.61 45.68 21.33
C GLY C 43 -0.39 45.06 20.38
N LEU C 44 -0.20 43.76 20.16
CA LEU C 44 -0.95 43.01 19.18
C LEU C 44 -2.14 42.30 19.83
N GLU C 45 -3.01 41.75 19.00
CA GLU C 45 -4.17 41.00 19.45
C GLU C 45 -4.52 39.97 18.39
N TRP C 46 -4.72 38.73 18.81
CA TRP C 46 -5.12 37.70 17.86
C TRP C 46 -6.59 37.86 17.56
N VAL C 47 -7.01 37.37 16.40
CA VAL C 47 -8.41 37.36 16.03
C VAL C 47 -8.88 35.95 15.67
N ALA C 48 -8.30 35.33 14.65
CA ALA C 48 -8.98 34.14 14.17
C ALA C 48 -8.01 33.16 13.53
N TYR C 49 -8.42 31.88 13.54
CA TYR C 49 -7.67 30.81 12.88
C TYR C 49 -8.56 29.92 12.04
N ILE C 50 -8.09 29.62 10.83
CA ILE C 50 -8.74 28.72 9.89
C ILE C 50 -7.69 27.73 9.39
N SER C 51 -8.10 26.51 9.09
CA SER C 51 -7.10 25.49 8.81
C SER C 51 -7.37 24.77 7.49
N SER C 52 -6.41 23.91 7.12
CA SER C 52 -6.52 23.10 5.92
C SER C 52 -7.70 22.14 6.04
N GLY C 53 -8.44 21.98 4.94
CA GLY C 53 -9.62 21.16 4.95
C GLY C 53 -10.89 21.88 5.37
N SER C 54 -10.79 23.13 5.82
CA SER C 54 -11.95 23.94 6.20
C SER C 54 -12.79 23.30 7.30
N GLY C 55 -12.13 22.60 8.22
CA GLY C 55 -12.85 21.90 9.26
C GLY C 55 -12.69 22.48 10.65
N THR C 56 -11.56 23.17 10.90
CA THR C 56 -11.25 23.72 12.20
C THR C 56 -11.27 25.24 12.13
N ILE C 57 -12.03 25.87 13.03
CA ILE C 57 -12.10 27.32 13.14
C ILE C 57 -12.02 27.69 14.61
N TYR C 58 -11.29 28.75 14.93
CA TYR C 58 -11.31 29.30 16.26
C TYR C 58 -11.35 30.83 16.20
N TYR C 59 -12.00 31.43 17.20
CA TYR C 59 -12.15 32.87 17.28
C TYR C 59 -11.62 33.42 18.59
N ALA C 60 -11.71 34.74 18.72
CA ALA C 60 -11.27 35.43 19.91
C ALA C 60 -12.42 35.61 20.89
N ASP C 61 -12.08 35.68 22.18
CA ASP C 61 -13.09 35.82 23.21
C ASP C 61 -13.84 37.14 23.10
N THR C 62 -13.18 38.18 22.60
CA THR C 62 -13.74 39.52 22.56
C THR C 62 -14.65 39.74 21.34
N VAL C 63 -14.56 38.88 20.33
CA VAL C 63 -15.25 39.11 19.07
C VAL C 63 -16.27 38.03 18.73
N LYS C 64 -16.23 36.87 19.39
CA LYS C 64 -16.90 35.67 18.92
C LYS C 64 -18.38 35.92 18.66
N GLY C 65 -18.85 35.50 17.50
CA GLY C 65 -20.18 35.81 17.03
C GLY C 65 -20.25 36.97 16.07
N ARG C 66 -19.39 37.97 16.24
CA ARG C 66 -19.30 39.08 15.30
C ARG C 66 -18.42 38.80 14.10
N PHE C 67 -17.65 37.73 14.13
CA PHE C 67 -16.60 37.46 13.15
C PHE C 67 -16.85 36.15 12.43
N THR C 68 -16.28 36.02 11.23
CA THR C 68 -16.37 34.82 10.43
C THR C 68 -15.18 34.75 9.48
N ILE C 69 -14.43 33.65 9.53
CA ILE C 69 -13.22 33.48 8.73
C ILE C 69 -13.49 32.44 7.66
N SER C 70 -12.84 32.57 6.51
CA SER C 70 -13.06 31.64 5.40
C SER C 70 -11.84 31.66 4.47
N ARG C 71 -11.68 30.59 3.70
CA ARG C 71 -10.62 30.50 2.70
C ARG C 71 -11.20 30.02 1.39
N ASP C 72 -10.47 30.27 0.30
CA ASP C 72 -10.84 29.83 -1.04
C ASP C 72 -9.57 29.34 -1.73
N ASP C 73 -9.50 28.04 -1.95
CA ASP C 73 -8.29 27.43 -2.50
C ASP C 73 -8.08 27.67 -3.98
N PRO C 74 -9.04 27.42 -4.89
CA PRO C 74 -8.75 27.58 -6.32
C PRO C 74 -8.26 28.97 -6.69
N LYS C 75 -8.81 30.02 -6.10
CA LYS C 75 -8.39 31.37 -6.40
C LYS C 75 -7.26 31.86 -5.50
N ASN C 76 -6.88 31.07 -4.50
CA ASN C 76 -5.81 31.43 -3.57
C ASN C 76 -6.12 32.73 -2.81
N THR C 77 -7.21 32.73 -2.05
CA THR C 77 -7.59 33.93 -1.31
C THR C 77 -8.12 33.57 0.08
N LEU C 78 -8.08 34.57 0.97
CA LEU C 78 -8.53 34.41 2.34
C LEU C 78 -9.44 35.56 2.72
N PHE C 79 -10.44 35.31 3.57
CA PHE C 79 -11.41 36.34 3.95
C PHE C 79 -11.69 36.31 5.44
N LEU C 80 -11.90 37.49 6.01
CA LEU C 80 -12.44 37.62 7.36
C LEU C 80 -13.49 38.72 7.36
N GLN C 81 -14.69 38.39 7.80
CA GLN C 81 -15.82 39.30 7.80
C GLN C 81 -16.29 39.57 9.22
N MET C 82 -16.48 40.83 9.55
CA MET C 82 -16.83 41.25 10.90
C MET C 82 -18.08 42.11 10.85
N THR C 83 -18.82 42.11 11.96
CA THR C 83 -20.06 42.85 12.13
C THR C 83 -20.07 43.56 13.48
N SER C 84 -20.83 44.65 13.57
CA SER C 84 -21.00 45.42 14.79
C SER C 84 -19.66 45.94 15.32
N LEU C 85 -19.05 46.83 14.54
CA LEU C 85 -17.75 47.36 14.87
C LEU C 85 -17.82 48.32 16.07
N ARG C 86 -16.78 48.30 16.89
CA ARG C 86 -16.68 49.13 18.08
C ARG C 86 -15.33 49.84 18.09
N SER C 87 -15.17 50.73 19.07
CA SER C 87 -13.93 51.50 19.20
C SER C 87 -12.73 50.63 19.52
N GLU C 88 -12.93 49.50 20.19
CA GLU C 88 -11.80 48.64 20.52
C GLU C 88 -11.23 47.95 19.30
N ASP C 89 -11.89 48.04 18.14
CA ASP C 89 -11.45 47.37 16.94
C ASP C 89 -10.61 48.26 16.01
N THR C 90 -10.38 49.52 16.36
CA THR C 90 -9.50 50.36 15.57
C THR C 90 -8.09 49.79 15.63
N ALA C 91 -7.55 49.43 14.48
CA ALA C 91 -6.36 48.59 14.52
C ALA C 91 -5.74 48.47 13.13
N MET C 92 -4.69 47.66 13.08
CA MET C 92 -4.07 47.27 11.83
C MET C 92 -3.93 45.75 11.79
N TYR C 93 -4.31 45.16 10.65
CA TYR C 93 -4.51 43.73 10.55
C TYR C 93 -3.39 43.12 9.70
N TYR C 94 -3.26 41.80 9.83
CA TYR C 94 -2.32 40.98 9.08
C TYR C 94 -2.85 39.56 8.91
N CYS C 95 -2.59 38.99 7.73
CA CYS C 95 -2.72 37.57 7.47
C CYS C 95 -1.41 36.92 7.85
N VAL C 96 -1.46 35.69 8.33
CA VAL C 96 -0.23 34.97 8.62
C VAL C 96 -0.38 33.53 8.17
N ARG C 97 0.64 33.02 7.50
CA ARG C 97 0.72 31.65 7.04
C ARG C 97 1.35 30.78 8.10
N SER C 98 0.94 29.52 8.15
CA SER C 98 1.57 28.54 9.03
C SER C 98 1.07 27.16 8.62
N ILE C 99 1.99 26.20 8.49
CA ILE C 99 1.67 24.85 8.06
C ILE C 99 2.17 23.92 9.15
N TYR C 100 1.39 22.88 9.44
CA TYR C 100 1.69 21.97 10.56
C TYR C 100 1.96 20.58 10.03
N TYR C 101 3.18 20.11 10.25
CA TYR C 101 3.62 18.74 10.05
C TYR C 101 4.93 18.63 10.81
N TYR C 102 5.44 17.42 10.97
CA TYR C 102 6.59 17.28 11.84
C TYR C 102 7.74 18.16 11.36
N GLY C 103 8.05 19.19 12.14
CA GLY C 103 9.21 20.02 11.90
C GLY C 103 9.00 21.28 11.10
N SER C 104 7.77 21.74 10.93
CA SER C 104 7.59 22.96 10.18
C SER C 104 7.69 24.19 11.09
N SER C 105 7.80 25.36 10.46
CA SER C 105 8.00 26.64 11.17
C SER C 105 6.76 27.52 11.00
N PRO C 106 5.93 27.60 12.02
CA PRO C 106 4.71 28.41 11.93
C PRO C 106 5.02 29.90 11.96
N PHE C 107 4.07 30.66 11.40
CA PHE C 107 4.17 32.12 11.33
C PHE C 107 5.38 32.59 10.52
N ASP C 108 5.73 31.84 9.48
CA ASP C 108 6.98 32.09 8.76
C ASP C 108 6.97 33.43 8.04
N PHE C 109 5.88 33.77 7.38
CA PHE C 109 5.83 35.02 6.63
C PHE C 109 4.61 35.82 7.03
N TRP C 110 4.80 37.13 7.18
CA TRP C 110 3.73 38.06 7.47
C TRP C 110 3.37 38.85 6.22
N GLY C 111 2.14 39.27 6.14
CA GLY C 111 1.71 40.16 5.10
C GLY C 111 2.16 41.57 5.43
N GLN C 112 1.56 42.53 4.72
CA GLN C 112 1.86 43.94 4.96
C GLN C 112 0.96 44.56 6.02
N GLY C 113 -0.28 44.13 6.07
CA GLY C 113 -1.26 44.69 6.99
C GLY C 113 -2.08 45.78 6.35
N THR C 114 -3.40 45.65 6.49
CA THR C 114 -4.34 46.71 6.15
C THR C 114 -4.65 47.51 7.41
N THR C 115 -5.24 48.68 7.23
CA THR C 115 -5.55 49.56 8.35
C THR C 115 -7.05 49.75 8.44
N LEU C 116 -7.59 49.56 9.66
CA LEU C 116 -9.01 49.73 9.92
C LEU C 116 -9.15 50.84 10.96
N THR C 117 -9.83 51.92 10.58
CA THR C 117 -10.06 53.06 11.44
C THR C 117 -11.51 53.06 11.88
N VAL C 118 -11.75 52.83 13.16
CA VAL C 118 -13.10 52.82 13.74
C VAL C 118 -13.25 53.84 14.86
N SER C 119 -14.14 54.81 14.64
CA SER C 119 -14.31 55.95 15.53
C SER C 119 -14.43 55.53 17.00
N ASP C 137 -7.98 32.06 28.99
CA ASP C 137 -7.53 33.45 28.87
C ASP C 137 -6.21 33.60 29.62
N ILE C 138 -5.13 33.16 28.99
CA ILE C 138 -3.80 33.25 29.57
C ILE C 138 -3.35 34.69 29.42
N VAL C 139 -2.71 35.22 30.46
CA VAL C 139 -2.26 36.60 30.47
C VAL C 139 -0.74 36.73 30.38
N MET C 140 -0.25 37.44 29.37
CA MET C 140 1.17 37.61 29.13
C MET C 140 1.49 39.09 29.05
N THR C 141 2.51 39.50 29.81
CA THR C 141 2.95 40.87 29.87
C THR C 141 4.45 40.94 29.61
N GLN C 142 4.96 42.15 29.45
CA GLN C 142 6.40 42.34 29.33
C GLN C 142 6.98 42.77 30.68
N ALA C 143 8.30 42.66 30.81
CA ALA C 143 8.96 42.95 32.08
C ALA C 143 9.37 44.41 32.19
N THR C 144 9.79 45.03 31.09
CA THR C 144 10.26 46.41 31.09
C THR C 144 9.53 47.17 29.99
N SER C 145 9.91 48.43 29.81
CA SER C 145 9.30 49.28 28.80
C SER C 145 10.30 49.74 27.74
N SER C 146 11.47 50.20 28.15
CA SER C 146 12.43 50.72 27.19
C SER C 146 13.83 50.55 27.75
N VAL C 147 14.76 50.19 26.86
CA VAL C 147 16.18 50.13 27.20
C VAL C 147 16.94 50.93 26.14
N PRO C 148 17.56 52.05 26.50
CA PRO C 148 18.37 52.77 25.50
C PRO C 148 19.51 51.91 25.00
N VAL C 149 19.72 51.93 23.68
CA VAL C 149 20.70 51.06 23.06
C VAL C 149 21.56 51.86 22.11
N THR C 150 22.85 51.54 22.09
CA THR C 150 23.83 52.13 21.20
C THR C 150 24.51 51.04 20.40
N PRO C 151 24.88 51.31 19.15
CA PRO C 151 25.47 50.28 18.31
C PRO C 151 26.78 49.77 18.87
N GLY C 152 27.07 48.50 18.60
CA GLY C 152 28.25 47.84 19.12
C GLY C 152 28.04 47.12 20.43
N GLU C 153 26.86 47.23 21.05
CA GLU C 153 26.57 46.60 22.31
C GLU C 153 25.46 45.57 22.15
N SER C 154 25.39 44.65 23.12
CA SER C 154 24.38 43.59 23.07
C SER C 154 23.12 43.99 23.82
N VAL C 155 21.99 43.44 23.39
CA VAL C 155 20.69 43.77 23.98
C VAL C 155 19.92 42.49 24.27
N SER C 156 19.03 42.57 25.27
CA SER C 156 18.20 41.46 25.67
C SER C 156 16.86 42.00 26.18
N ILE C 157 15.78 41.27 25.88
CA ILE C 157 14.42 41.69 26.20
C ILE C 157 13.68 40.48 26.78
N SER C 158 12.62 40.73 27.56
CA SER C 158 11.92 39.64 28.25
C SER C 158 10.41 39.75 28.12
N CYS C 159 9.74 38.74 28.68
CA CYS C 159 8.31 38.68 28.90
C CYS C 159 8.02 37.73 30.06
N ARG C 160 6.81 37.82 30.59
CA ARG C 160 6.29 36.89 31.58
C ARG C 160 4.87 36.50 31.17
N SER C 161 4.44 35.31 31.55
CA SER C 161 3.10 34.83 31.27
C SER C 161 2.41 34.37 32.54
N SER C 162 1.08 34.26 32.47
CA SER C 162 0.29 33.92 33.64
C SER C 162 0.06 32.42 33.82
N LYS C 163 0.40 31.61 32.83
CA LYS C 163 0.17 30.18 32.87
C LYS C 163 1.20 29.50 31.98
N SER C 164 1.45 28.22 32.23
CA SER C 164 2.47 27.49 31.50
C SER C 164 2.14 27.43 30.01
N LEU C 165 3.19 27.46 29.19
CA LEU C 165 3.09 27.26 27.75
C LEU C 165 3.67 25.94 27.30
N LEU C 166 4.27 25.16 28.19
CA LEU C 166 4.91 23.92 27.84
C LEU C 166 3.89 22.80 27.80
N HIS C 167 3.47 22.43 26.59
CA HIS C 167 2.46 21.41 26.40
C HIS C 167 3.02 20.04 26.77
N SER C 168 2.16 19.01 26.67
CA SER C 168 2.54 17.66 27.05
C SER C 168 3.57 17.05 26.11
N ASN C 169 3.49 17.33 24.82
CA ASN C 169 4.22 16.59 23.79
C ASN C 169 5.62 17.12 23.52
N GLY C 170 6.18 17.95 24.39
CA GLY C 170 7.57 18.35 24.29
C GLY C 170 7.83 19.70 23.66
N ASN C 171 6.79 20.49 23.39
CA ASN C 171 6.96 21.78 22.74
C ASN C 171 7.03 22.90 23.76
N THR C 172 7.17 24.13 23.25
CA THR C 172 6.98 25.33 24.03
C THR C 172 6.52 26.44 23.10
N TYR C 173 5.27 26.84 23.22
CA TYR C 173 4.63 27.73 22.27
C TYR C 173 4.83 29.21 22.62
N LEU C 174 6.06 29.69 22.45
CA LEU C 174 6.34 31.12 22.49
C LEU C 174 6.84 31.55 21.13
N TYR C 175 6.36 32.69 20.67
CA TYR C 175 6.73 33.23 19.36
C TYR C 175 7.26 34.66 19.53
N TRP C 176 8.42 34.94 18.93
CA TRP C 176 9.12 36.21 19.09
C TRP C 176 9.16 36.95 17.76
N PHE C 177 8.76 38.21 17.77
CA PHE C 177 8.59 39.00 16.57
C PHE C 177 9.26 40.37 16.71
N LEU C 178 9.69 40.94 15.59
CA LEU C 178 10.33 42.25 15.52
C LEU C 178 9.55 43.14 14.57
N GLN C 179 9.36 44.39 14.94
CA GLN C 179 8.69 45.37 14.10
C GLN C 179 9.54 46.65 14.05
N ARG C 180 9.72 47.20 12.84
CA ARG C 180 10.41 48.45 12.56
C ARG C 180 9.44 49.50 12.04
N PRO C 181 9.75 50.79 12.21
CA PRO C 181 8.79 51.82 11.82
C PRO C 181 8.48 51.82 10.34
N GLY C 182 7.20 51.66 10.02
CA GLY C 182 6.76 51.54 8.65
C GLY C 182 6.83 50.14 8.07
N GLN C 183 7.27 49.16 8.85
CA GLN C 183 7.42 47.80 8.37
C GLN C 183 6.42 46.86 9.04
N SER C 184 6.45 45.60 8.59
CA SER C 184 5.64 44.54 9.13
C SER C 184 6.49 43.65 10.04
N PRO C 185 5.85 42.81 10.87
CA PRO C 185 6.62 41.92 11.74
C PRO C 185 7.38 40.87 10.95
N GLN C 186 8.48 40.40 11.53
CA GLN C 186 9.32 39.37 10.93
C GLN C 186 9.59 38.30 11.97
N LEU C 187 9.45 37.04 11.56
CA LEU C 187 9.46 35.93 12.50
C LEU C 187 10.90 35.76 13.00
N LEU C 188 11.22 36.51 14.05
CA LEU C 188 12.48 36.27 14.72
C LEU C 188 12.58 34.83 15.19
N ILE C 189 11.62 34.38 15.99
CA ILE C 189 11.65 33.06 16.59
C ILE C 189 10.28 32.43 16.51
N TYR C 190 10.22 31.19 16.03
CA TYR C 190 9.03 30.36 16.09
C TYR C 190 9.30 29.34 17.19
N ARG C 191 8.27 29.11 18.03
CA ARG C 191 8.34 28.15 19.12
C ARG C 191 9.58 28.35 19.99
N MET C 192 9.91 29.61 20.26
CA MET C 192 10.80 30.09 21.34
C MET C 192 12.21 29.49 21.33
N SER C 193 12.60 28.68 20.35
CA SER C 193 13.99 28.23 20.40
C SER C 193 14.64 28.18 19.02
N ASN C 194 13.84 28.25 17.96
CA ASN C 194 14.33 27.96 16.63
C ASN C 194 14.32 29.22 15.77
N LEU C 195 15.30 29.33 14.87
CA LEU C 195 15.49 30.53 14.08
C LEU C 195 14.88 30.36 12.70
N ALA C 196 14.30 31.44 12.18
CA ALA C 196 13.62 31.38 10.89
C ALA C 196 14.59 31.62 9.75
N SER C 197 14.07 31.54 8.52
CA SER C 197 14.88 31.81 7.35
C SER C 197 14.83 33.29 6.99
N GLY C 198 15.94 33.80 6.46
CA GLY C 198 16.02 35.19 6.06
C GLY C 198 16.48 36.15 7.13
N VAL C 199 16.79 35.67 8.33
CA VAL C 199 17.14 36.53 9.45
C VAL C 199 18.57 36.23 9.88
N PRO C 200 19.36 37.23 10.27
CA PRO C 200 20.76 36.99 10.62
C PRO C 200 20.91 36.07 11.82
N ASP C 201 22.06 35.39 11.86
CA ASP C 201 22.36 34.48 12.95
C ASP C 201 22.71 35.19 14.26
N ARG C 202 22.88 36.51 14.24
CA ARG C 202 23.21 37.23 15.46
C ARG C 202 22.01 37.31 16.42
N PHE C 203 20.81 37.01 15.94
CA PHE C 203 19.62 37.00 16.77
C PHE C 203 19.53 35.68 17.52
N SER C 204 18.84 35.68 18.66
CA SER C 204 18.57 34.45 19.40
C SER C 204 17.39 34.68 20.33
N GLY C 205 16.77 33.58 20.78
CA GLY C 205 15.62 33.71 21.67
C GLY C 205 15.40 32.40 22.42
N SER C 206 14.74 32.51 23.56
CA SER C 206 14.59 31.36 24.46
C SER C 206 13.55 31.72 25.53
N GLY C 207 13.40 30.83 26.50
CA GLY C 207 12.39 31.02 27.53
C GLY C 207 12.61 30.07 28.68
N SER C 208 11.66 30.12 29.62
CA SER C 208 11.74 29.39 30.87
C SER C 208 10.34 29.04 31.36
N GLY C 209 10.21 28.74 32.64
CA GLY C 209 8.93 28.43 33.20
C GLY C 209 8.17 29.74 33.36
N THR C 210 7.51 30.14 32.26
CA THR C 210 6.68 31.34 32.06
C THR C 210 7.51 32.60 32.02
N ALA C 211 8.83 32.52 32.06
CA ALA C 211 9.71 33.66 31.84
C ALA C 211 10.49 33.54 30.53
N PHE C 212 10.35 34.54 29.65
CA PHE C 212 10.78 34.44 28.27
C PHE C 212 11.78 35.55 27.94
N THR C 213 12.65 35.29 26.96
CA THR C 213 13.71 36.23 26.62
C THR C 213 14.09 36.17 25.15
N LEU C 214 14.65 37.27 24.68
CA LEU C 214 15.16 37.47 23.33
C LEU C 214 16.50 38.18 23.46
N THR C 215 17.43 37.89 22.54
CA THR C 215 18.75 38.51 22.57
C THR C 215 19.18 38.90 21.17
N ILE C 216 19.84 40.05 21.08
CA ILE C 216 20.50 40.49 19.85
C ILE C 216 21.92 40.86 20.20
N SER C 217 22.88 40.14 19.63
CA SER C 217 24.28 40.40 19.88
C SER C 217 24.84 41.30 18.78
N ARG C 218 25.75 42.18 19.18
CA ARG C 218 26.45 43.07 18.25
C ARG C 218 25.46 43.96 17.51
N LEU C 219 24.78 44.81 18.27
CA LEU C 219 23.67 45.60 17.72
C LEU C 219 24.12 46.41 16.52
N GLU C 220 23.32 46.36 15.47
CA GLU C 220 23.54 47.16 14.27
C GLU C 220 22.36 48.10 14.07
N ALA C 221 22.45 48.93 13.03
CA ALA C 221 21.29 49.68 12.59
C ALA C 221 20.28 48.73 11.93
N GLU C 222 19.03 49.16 11.91
CA GLU C 222 17.89 48.36 11.52
C GLU C 222 17.57 47.26 12.54
N ASP C 223 18.34 47.17 13.63
CA ASP C 223 18.07 46.30 14.74
C ASP C 223 17.43 47.05 15.90
N VAL C 224 16.94 48.26 15.64
CA VAL C 224 16.27 49.08 16.63
C VAL C 224 14.79 49.14 16.27
N GLY C 225 13.94 48.71 17.19
CA GLY C 225 12.52 48.65 16.93
C GLY C 225 11.79 48.13 18.14
N VAL C 226 10.60 47.61 17.90
CA VAL C 226 9.76 47.08 18.97
C VAL C 226 9.74 45.56 18.88
N TYR C 227 9.79 44.90 20.03
CA TYR C 227 9.89 43.46 20.10
C TYR C 227 8.69 42.89 20.84
N TYR C 228 8.13 41.80 20.32
CA TYR C 228 6.82 41.31 20.69
C TYR C 228 6.86 39.82 21.00
N CYS C 229 6.10 39.40 22.01
CA CYS C 229 5.99 38.00 22.40
C CYS C 229 4.57 37.50 22.19
N MET C 230 4.43 36.18 21.96
CA MET C 230 3.13 35.56 21.68
C MET C 230 3.10 34.13 22.20
N GLN C 231 1.89 33.66 22.54
CA GLN C 231 1.65 32.28 22.94
C GLN C 231 0.72 31.59 21.96
N HIS C 232 0.81 30.27 21.88
CA HIS C 232 -0.10 29.48 21.04
C HIS C 232 -0.47 28.15 21.69
N LEU C 233 -0.78 28.15 22.99
CA LEU C 233 -1.05 26.87 23.63
C LEU C 233 -2.51 26.49 23.58
N GLU C 234 -3.41 27.45 23.70
CA GLU C 234 -4.82 27.12 23.67
C GLU C 234 -5.61 28.31 23.19
N TYR C 235 -6.56 28.05 22.35
CA TYR C 235 -7.30 29.15 21.80
C TYR C 235 -8.21 29.73 22.89
N PRO C 236 -8.35 31.07 22.95
CA PRO C 236 -7.75 32.07 22.07
C PRO C 236 -6.32 32.48 22.43
N LEU C 237 -5.72 33.29 21.57
CA LEU C 237 -4.33 33.72 21.67
C LEU C 237 -4.26 35.17 22.14
N THR C 238 -3.32 35.45 23.04
CA THR C 238 -3.22 36.77 23.64
C THR C 238 -1.77 37.25 23.61
N PHE C 239 -1.60 38.56 23.46
CA PHE C 239 -0.30 39.19 23.34
C PHE C 239 0.00 40.05 24.56
N GLY C 240 1.22 40.59 24.58
CA GLY C 240 1.61 41.58 25.55
C GLY C 240 1.30 42.99 25.06
N ALA C 241 2.13 43.94 25.48
CA ALA C 241 1.98 45.32 25.06
C ALA C 241 3.17 45.85 24.28
N GLY C 242 4.38 45.39 24.57
CA GLY C 242 5.49 45.74 23.72
C GLY C 242 6.70 46.26 24.49
N THR C 243 7.88 46.00 23.92
CA THR C 243 9.16 46.49 24.41
C THR C 243 9.92 47.12 23.25
N LYS C 244 10.52 48.28 23.48
CA LYS C 244 11.24 48.98 22.42
C LYS C 244 12.65 49.34 22.87
N LEU C 245 13.59 49.19 21.94
CA LEU C 245 14.93 49.74 22.08
C LEU C 245 14.95 51.10 21.42
N GLU C 246 15.93 51.93 21.79
CA GLU C 246 16.04 53.30 21.29
C GLU C 246 17.50 53.56 20.94
N LEU C 247 17.73 54.10 19.75
CA LEU C 247 19.08 54.46 19.33
C LEU C 247 19.60 55.67 20.10
N THR D 567 -43.96 -29.30 18.26
CA THR D 567 -42.99 -28.24 18.03
C THR D 567 -42.02 -28.63 16.93
N SER D 568 -42.56 -29.06 15.80
CA SER D 568 -41.73 -29.36 14.64
C SER D 568 -41.08 -28.11 14.09
N PHE D 569 -40.04 -28.30 13.27
CA PHE D 569 -39.58 -27.18 12.47
C PHE D 569 -40.59 -26.85 11.39
N SER D 570 -41.48 -27.78 11.07
CA SER D 570 -42.44 -27.59 10.01
C SER D 570 -43.59 -26.69 10.42
N ILE D 571 -43.71 -26.34 11.71
CA ILE D 571 -44.76 -25.44 12.13
C ILE D 571 -44.50 -24.03 11.64
N LEU D 572 -43.27 -23.73 11.22
CA LEU D 572 -43.04 -22.48 10.49
C LEU D 572 -43.84 -22.48 9.20
N MET D 573 -43.86 -23.62 8.50
CA MET D 573 -44.54 -23.74 7.23
C MET D 573 -45.89 -24.40 7.37
N SER D 574 -45.96 -25.50 8.13
CA SER D 574 -47.22 -26.22 8.06
C SER D 574 -48.20 -25.72 9.11
N PRO D 575 -49.43 -25.41 8.72
CA PRO D 575 -50.48 -25.16 9.70
C PRO D 575 -50.90 -26.40 10.50
N PHE D 576 -50.42 -27.58 10.14
CA PHE D 576 -50.84 -28.82 10.74
C PHE D 576 -49.77 -29.86 10.71
N VAL D 577 -49.51 -30.54 11.81
CA VAL D 577 -48.50 -31.58 11.91
C VAL D 577 -49.17 -32.85 12.46
N PRO D 578 -48.99 -33.99 11.80
CA PRO D 578 -49.71 -35.20 12.23
C PRO D 578 -49.17 -35.71 13.56
N SER D 579 -50.10 -36.10 14.43
CA SER D 579 -49.71 -36.73 15.68
C SER D 579 -48.97 -38.04 15.45
N THR D 580 -49.35 -38.78 14.40
CA THR D 580 -48.77 -40.08 14.10
C THR D 580 -47.25 -40.07 14.02
N ILE D 581 -46.63 -38.90 13.92
CA ILE D 581 -45.19 -38.81 13.72
C ILE D 581 -44.52 -37.92 14.75
N PHE D 582 -45.25 -37.44 15.76
CA PHE D 582 -44.65 -36.58 16.77
C PHE D 582 -43.36 -37.12 17.38
N PRO D 583 -43.21 -38.40 17.69
CA PRO D 583 -41.92 -38.87 18.22
C PRO D 583 -40.75 -38.66 17.29
N VAL D 584 -40.99 -38.33 16.03
CA VAL D 584 -39.91 -38.15 15.05
C VAL D 584 -39.77 -36.70 14.61
N VAL D 585 -40.80 -36.14 13.96
CA VAL D 585 -40.65 -34.88 13.26
C VAL D 585 -40.30 -33.77 14.23
N LYS D 586 -40.87 -33.79 15.43
CA LYS D 586 -40.46 -32.84 16.45
C LYS D 586 -39.00 -32.99 16.85
N TRP D 587 -38.57 -34.23 17.13
CA TRP D 587 -37.24 -34.46 17.66
C TRP D 587 -36.16 -33.98 16.69
N ILE D 588 -36.27 -34.37 15.42
CA ILE D 588 -35.35 -33.90 14.39
C ILE D 588 -35.16 -32.40 14.51
N THR D 589 -36.26 -31.65 14.47
CA THR D 589 -36.21 -30.20 14.60
C THR D 589 -35.23 -29.80 15.70
N TYR D 590 -35.50 -30.24 16.93
CA TYR D 590 -34.67 -29.82 18.05
C TYR D 590 -33.20 -30.08 17.76
N VAL D 591 -32.87 -31.31 17.37
CA VAL D 591 -31.48 -31.66 17.16
C VAL D 591 -30.85 -30.70 16.16
N GLY D 592 -31.55 -30.42 15.07
CA GLY D 592 -31.01 -29.52 14.07
C GLY D 592 -30.67 -28.17 14.64
N LEU D 593 -31.61 -27.57 15.38
CA LEU D 593 -31.34 -26.27 15.97
C LEU D 593 -30.09 -26.33 16.84
N GLY D 594 -29.92 -27.43 17.57
CA GLY D 594 -28.79 -27.54 18.47
C GLY D 594 -27.48 -27.35 17.76
N ILE D 595 -27.36 -27.90 16.55
CA ILE D 595 -26.16 -27.68 15.77
C ILE D 595 -26.16 -26.26 15.21
N SER D 596 -27.30 -25.85 14.62
CA SER D 596 -27.35 -24.62 13.84
C SER D 596 -26.81 -23.44 14.64
N ILE D 597 -27.47 -23.11 15.76
CA ILE D 597 -26.99 -22.04 16.62
C ILE D 597 -25.55 -22.31 17.02
N GLY D 598 -25.27 -23.51 17.51
CA GLY D 598 -23.92 -23.82 17.97
C GLY D 598 -22.89 -23.69 16.87
N SER D 599 -23.32 -23.84 15.62
CA SER D 599 -22.42 -23.61 14.50
C SER D 599 -22.33 -22.12 14.18
N LEU D 600 -23.50 -21.45 14.12
CA LEU D 600 -23.55 -20.11 13.54
C LEU D 600 -22.66 -19.14 14.32
N ILE D 601 -22.70 -19.20 15.64
CA ILE D 601 -21.87 -18.31 16.45
C ILE D 601 -20.41 -18.44 16.02
N LEU D 602 -19.93 -19.67 15.87
CA LEU D 602 -18.55 -19.88 15.46
C LEU D 602 -18.23 -19.08 14.22
N CYS D 603 -19.10 -19.16 13.21
CA CYS D 603 -18.92 -18.38 11.99
C CYS D 603 -18.57 -16.95 12.31
N LEU D 604 -19.46 -16.27 13.04
CA LEU D 604 -19.25 -14.86 13.29
C LEU D 604 -17.94 -14.60 14.01
N ILE D 605 -17.58 -15.46 14.97
CA ILE D 605 -16.32 -15.26 15.70
C ILE D 605 -15.14 -15.33 14.73
N ILE D 606 -15.11 -16.37 13.90
CA ILE D 606 -14.05 -16.45 12.89
C ILE D 606 -14.11 -15.25 11.98
N GLU D 607 -15.33 -14.82 11.66
CA GLU D 607 -15.53 -13.70 10.76
C GLU D 607 -14.98 -12.40 11.34
N ALA D 608 -14.84 -12.33 12.66
CA ALA D 608 -14.31 -11.11 13.26
C ALA D 608 -12.79 -11.08 13.20
N LEU D 609 -12.18 -12.24 13.10
CA LEU D 609 -10.74 -12.32 13.31
C LEU D 609 -9.97 -11.79 12.11
N PHE D 610 -10.47 -12.03 10.91
CA PHE D 610 -9.74 -11.72 9.67
C PHE D 610 -10.39 -10.62 8.85
N TRP D 611 -10.96 -9.60 9.50
CA TRP D 611 -11.64 -8.55 8.75
C TRP D 611 -10.66 -7.52 8.20
N LYS D 612 -9.39 -7.54 8.62
CA LYS D 612 -8.48 -6.45 8.30
C LYS D 612 -7.86 -6.59 6.91
N GLN D 613 -7.93 -7.77 6.29
CA GLN D 613 -7.34 -8.00 4.98
C GLN D 613 -8.39 -8.30 3.92
N ILE D 614 -9.57 -7.69 4.00
CA ILE D 614 -10.68 -8.04 3.14
C ILE D 614 -10.95 -6.99 2.09
N LYS D 615 -10.39 -5.78 2.24
CA LYS D 615 -10.70 -4.68 1.34
C LYS D 615 -9.78 -4.78 0.12
N LYS D 616 -9.87 -5.93 -0.55
CA LYS D 616 -9.12 -6.18 -1.77
C LYS D 616 -9.84 -5.70 -3.00
N SER D 617 -11.17 -5.61 -2.96
CA SER D 617 -11.98 -5.04 -4.01
C SER D 617 -13.33 -4.73 -3.41
N GLN D 618 -14.24 -4.26 -4.25
CA GLN D 618 -15.58 -3.98 -3.75
C GLN D 618 -16.39 -5.26 -3.57
N THR D 619 -16.15 -6.27 -4.42
CA THR D 619 -16.86 -7.53 -4.29
C THR D 619 -16.57 -8.23 -2.97
N SER D 620 -15.30 -8.33 -2.59
CA SER D 620 -14.97 -9.04 -1.36
C SER D 620 -15.69 -8.44 -0.17
N HIS D 621 -15.58 -7.12 -0.01
CA HIS D 621 -16.19 -6.44 1.14
C HIS D 621 -17.70 -6.61 1.13
N THR D 622 -18.35 -6.36 -0.02
CA THR D 622 -19.80 -6.42 -0.07
C THR D 622 -20.29 -7.83 0.25
N ARG D 623 -19.70 -8.84 -0.36
CA ARG D 623 -20.10 -10.21 -0.12
C ARG D 623 -19.94 -10.58 1.35
N ARG D 624 -18.83 -10.19 1.97
CA ARG D 624 -18.58 -10.74 3.30
C ARG D 624 -19.38 -9.97 4.36
N ILE D 625 -19.74 -8.72 4.08
CA ILE D 625 -20.77 -8.03 4.86
C ILE D 625 -22.10 -8.79 4.79
N CYS D 626 -22.52 -9.20 3.58
CA CYS D 626 -23.77 -9.95 3.47
C CYS D 626 -23.72 -11.25 4.27
N MET D 627 -22.57 -11.92 4.26
CA MET D 627 -22.43 -13.13 5.06
C MET D 627 -22.59 -12.84 6.55
N VAL D 628 -21.97 -11.75 7.04
CA VAL D 628 -22.10 -11.38 8.45
C VAL D 628 -23.56 -11.21 8.83
N ASN D 629 -24.30 -10.47 8.00
CA ASN D 629 -25.72 -10.24 8.28
C ASN D 629 -26.50 -11.55 8.29
N ILE D 630 -26.28 -12.42 7.30
CA ILE D 630 -27.03 -13.67 7.26
C ILE D 630 -26.77 -14.49 8.50
N ALA D 631 -25.50 -14.60 8.90
CA ALA D 631 -25.15 -15.39 10.08
C ALA D 631 -25.86 -14.88 11.32
N LEU D 632 -25.74 -13.58 11.62
CA LEU D 632 -26.37 -13.04 12.82
C LEU D 632 -27.89 -13.17 12.78
N SER D 633 -28.49 -12.87 11.62
CA SER D 633 -29.94 -12.90 11.53
C SER D 633 -30.47 -14.30 11.81
N LEU D 634 -29.85 -15.33 11.21
CA LEU D 634 -30.25 -16.69 11.48
C LEU D 634 -30.07 -17.03 12.96
N LEU D 635 -28.95 -16.61 13.56
CA LEU D 635 -28.70 -16.93 14.97
C LEU D 635 -29.82 -16.45 15.86
N ILE D 636 -30.15 -15.16 15.77
CA ILE D 636 -31.13 -14.62 16.69
C ILE D 636 -32.53 -15.15 16.38
N ALA D 637 -32.88 -15.27 15.09
CA ALA D 637 -34.17 -15.83 14.74
C ALA D 637 -34.37 -17.20 15.35
N ASP D 638 -33.37 -18.08 15.23
CA ASP D 638 -33.55 -19.44 15.73
C ASP D 638 -33.58 -19.46 17.25
N VAL D 639 -32.74 -18.67 17.92
CA VAL D 639 -32.81 -18.66 19.40
C VAL D 639 -34.19 -18.24 19.86
N TRP D 640 -34.71 -17.15 19.32
CA TRP D 640 -36.00 -16.67 19.81
C TRP D 640 -37.14 -17.57 19.35
N PHE D 641 -36.98 -18.32 18.25
CA PHE D 641 -37.97 -19.34 17.95
C PHE D 641 -37.93 -20.45 18.99
N ILE D 642 -36.74 -20.83 19.44
CA ILE D 642 -36.65 -21.82 20.51
C ILE D 642 -37.36 -21.31 21.75
N VAL D 643 -37.26 -20.01 22.00
CA VAL D 643 -38.05 -19.39 23.06
C VAL D 643 -39.54 -19.60 22.80
N GLY D 644 -39.99 -19.27 21.59
CA GLY D 644 -41.41 -19.33 21.29
C GLY D 644 -41.99 -20.73 21.39
N ALA D 645 -41.18 -21.74 21.11
CA ALA D 645 -41.66 -23.12 21.21
C ALA D 645 -41.64 -23.62 22.65
N THR D 646 -40.70 -23.14 23.46
CA THR D 646 -40.45 -23.70 24.78
C THR D 646 -41.22 -22.99 25.89
N VAL D 647 -42.05 -22.00 25.58
CA VAL D 647 -42.86 -21.33 26.59
C VAL D 647 -44.22 -21.98 26.65
N ASP D 648 -44.69 -22.27 27.86
CA ASP D 648 -45.99 -22.91 28.07
C ASP D 648 -47.08 -21.87 27.82
N THR D 649 -48.02 -22.20 26.93
CA THR D 649 -49.12 -21.29 26.61
C THR D 649 -50.16 -21.22 27.71
N THR D 650 -50.22 -22.21 28.60
CA THR D 650 -51.24 -22.26 29.65
C THR D 650 -50.78 -21.64 30.96
N VAL D 651 -49.58 -21.06 31.01
CA VAL D 651 -49.02 -20.48 32.22
C VAL D 651 -48.96 -18.97 32.14
N ASN D 652 -48.46 -18.43 31.03
CA ASN D 652 -48.29 -16.98 30.85
C ASN D 652 -49.15 -16.52 29.69
N PRO D 653 -50.34 -15.98 29.95
CA PRO D 653 -51.22 -15.55 28.84
C PRO D 653 -50.65 -14.41 28.01
N SER D 654 -49.71 -13.63 28.54
CA SER D 654 -49.16 -12.50 27.80
C SER D 654 -47.66 -12.36 28.02
N GLY D 655 -47.10 -11.25 27.58
CA GLY D 655 -45.71 -10.97 27.88
C GLY D 655 -44.76 -11.73 26.97
N VAL D 656 -44.14 -12.78 27.52
CA VAL D 656 -43.03 -13.45 26.85
C VAL D 656 -43.50 -14.16 25.58
N CYS D 657 -44.71 -14.71 25.57
CA CYS D 657 -45.21 -15.39 24.38
C CYS D 657 -45.26 -14.45 23.18
N THR D 658 -45.85 -13.26 23.38
CA THR D 658 -46.03 -12.34 22.25
C THR D 658 -44.69 -11.77 21.80
N ALA D 659 -43.77 -11.54 22.74
CA ALA D 659 -42.44 -11.09 22.38
C ALA D 659 -41.71 -12.15 21.56
N ALA D 660 -41.86 -13.43 21.94
CA ALA D 660 -41.24 -14.50 21.16
C ALA D 660 -41.77 -14.53 19.74
N VAL D 661 -43.09 -14.38 19.58
CA VAL D 661 -43.65 -14.38 18.25
C VAL D 661 -43.07 -13.24 17.41
N PHE D 662 -42.99 -12.04 18.01
CA PHE D 662 -42.41 -10.92 17.28
C PHE D 662 -40.99 -11.20 16.84
N PHE D 663 -40.15 -11.68 17.77
CA PHE D 663 -38.76 -11.90 17.44
C PHE D 663 -38.62 -12.89 16.29
N THR D 664 -39.36 -14.00 16.35
CA THR D 664 -39.29 -14.98 15.27
C THR D 664 -39.66 -14.35 13.94
N HIS D 665 -40.78 -13.64 13.88
CA HIS D 665 -41.19 -13.10 12.59
C HIS D 665 -40.15 -12.15 12.03
N PHE D 666 -39.69 -11.20 12.83
CA PHE D 666 -38.78 -10.17 12.31
C PHE D 666 -37.47 -10.77 11.84
N PHE D 667 -36.81 -11.57 12.69
CA PHE D 667 -35.50 -12.05 12.31
C PHE D 667 -35.58 -13.08 11.17
N TYR D 668 -36.68 -13.83 11.08
CA TYR D 668 -36.83 -14.75 9.96
C TYR D 668 -37.03 -14.01 8.65
N LEU D 669 -37.75 -12.90 8.64
CA LEU D 669 -37.77 -12.11 7.42
C LEU D 669 -36.36 -11.62 7.07
N SER D 670 -35.60 -11.24 8.10
CA SER D 670 -34.27 -10.67 7.90
C SER D 670 -33.33 -11.62 7.14
N LEU D 671 -33.27 -12.90 7.55
CA LEU D 671 -32.28 -13.78 6.91
C LEU D 671 -32.56 -13.98 5.42
N PHE D 672 -33.83 -14.16 5.05
CA PHE D 672 -34.18 -14.34 3.64
C PHE D 672 -33.81 -13.10 2.84
N PHE D 673 -34.07 -11.93 3.40
CA PHE D 673 -33.73 -10.72 2.66
C PHE D 673 -32.23 -10.59 2.44
N TRP D 674 -31.41 -10.94 3.43
CA TRP D 674 -29.96 -10.87 3.21
C TRP D 674 -29.47 -11.90 2.17
N MET D 675 -30.08 -13.09 2.14
CA MET D 675 -29.78 -14.02 1.05
C MET D 675 -30.05 -13.40 -0.32
N LEU D 676 -31.22 -12.76 -0.47
CA LEU D 676 -31.52 -12.08 -1.73
C LEU D 676 -30.42 -11.08 -2.07
N MET D 677 -29.89 -10.41 -1.05
CA MET D 677 -28.84 -9.43 -1.32
C MET D 677 -27.60 -10.07 -1.92
N LEU D 678 -27.13 -11.19 -1.35
CA LEU D 678 -25.94 -11.84 -1.93
C LEU D 678 -26.19 -12.32 -3.35
N GLY D 679 -27.39 -12.86 -3.61
CA GLY D 679 -27.70 -13.29 -4.96
C GLY D 679 -27.64 -12.17 -5.96
N ILE D 680 -28.23 -11.02 -5.63
CA ILE D 680 -28.20 -9.91 -6.55
C ILE D 680 -26.77 -9.39 -6.73
N LEU D 681 -25.95 -9.49 -5.69
CA LEU D 681 -24.54 -9.13 -5.84
C LEU D 681 -23.88 -9.94 -6.95
N LEU D 682 -24.01 -11.26 -6.90
CA LEU D 682 -23.31 -12.10 -7.89
C LEU D 682 -23.88 -11.87 -9.29
N ALA D 683 -25.19 -11.70 -9.40
CA ALA D 683 -25.79 -11.41 -10.70
C ALA D 683 -25.28 -10.10 -11.27
N TYR D 684 -25.16 -9.08 -10.42
CA TYR D 684 -24.59 -7.80 -10.84
C TYR D 684 -23.17 -7.96 -11.36
N ARG D 685 -22.33 -8.70 -10.63
CA ARG D 685 -20.94 -8.80 -11.05
C ARG D 685 -20.81 -9.48 -12.41
N ILE D 686 -21.59 -10.52 -12.67
CA ILE D 686 -21.38 -11.20 -13.95
C ILE D 686 -22.09 -10.50 -15.11
N ILE D 687 -23.36 -10.11 -14.97
CA ILE D 687 -24.08 -9.58 -16.13
C ILE D 687 -23.46 -8.27 -16.61
N LEU D 688 -23.51 -7.22 -15.79
CA LEU D 688 -22.93 -5.92 -16.15
C LEU D 688 -21.50 -5.88 -15.65
N VAL D 689 -20.57 -6.28 -16.53
CA VAL D 689 -19.21 -6.52 -16.10
C VAL D 689 -18.51 -5.22 -15.75
N PHE D 690 -18.71 -4.19 -16.55
CA PHE D 690 -17.94 -2.95 -16.45
C PHE D 690 -18.85 -1.81 -15.98
N HIS D 691 -18.88 -1.61 -14.67
CA HIS D 691 -19.63 -0.55 -14.01
C HIS D 691 -19.23 -0.54 -12.54
N HIS D 692 -18.95 0.64 -11.99
CA HIS D 692 -18.48 0.76 -10.62
C HIS D 692 -19.12 1.94 -9.92
N MET D 693 -19.68 1.66 -8.74
CA MET D 693 -20.25 2.65 -7.82
C MET D 693 -19.44 2.67 -6.53
N ALA D 694 -19.56 3.76 -5.80
CA ALA D 694 -18.77 3.95 -4.59
C ALA D 694 -19.15 2.92 -3.53
N GLN D 695 -18.20 2.61 -2.66
CA GLN D 695 -18.40 1.60 -1.63
C GLN D 695 -19.47 1.99 -0.62
N HIS D 696 -19.50 3.27 -0.22
CA HIS D 696 -20.45 3.69 0.81
C HIS D 696 -21.90 3.61 0.32
N LEU D 697 -22.17 3.94 -0.93
CA LEU D 697 -23.51 3.74 -1.45
C LEU D 697 -23.92 2.27 -1.39
N MET D 698 -22.98 1.37 -1.67
CA MET D 698 -23.25 -0.06 -1.59
C MET D 698 -23.63 -0.47 -0.16
N MET D 699 -22.82 -0.08 0.82
CA MET D 699 -23.15 -0.46 2.19
C MET D 699 -24.47 0.16 2.64
N ALA D 700 -24.74 1.40 2.22
CA ALA D 700 -25.99 2.04 2.59
C ALA D 700 -27.19 1.27 2.05
N VAL D 701 -27.16 0.93 0.75
CA VAL D 701 -28.26 0.18 0.16
C VAL D 701 -28.39 -1.19 0.83
N GLY D 702 -27.25 -1.83 1.06
CA GLY D 702 -27.28 -3.15 1.68
C GLY D 702 -27.94 -3.14 3.03
N PHE D 703 -27.55 -2.21 3.90
CA PHE D 703 -28.12 -2.22 5.24
C PHE D 703 -29.56 -1.75 5.23
N CYS D 704 -29.91 -0.81 4.35
CA CYS D 704 -31.28 -0.31 4.38
C CYS D 704 -32.25 -1.30 3.78
N LEU D 705 -31.77 -2.27 3.00
CA LEU D 705 -32.68 -3.30 2.51
C LEU D 705 -32.62 -4.58 3.32
N GLY D 706 -31.46 -4.90 3.90
CA GLY D 706 -31.36 -6.11 4.71
C GLY D 706 -32.15 -6.03 6.00
N TYR D 707 -32.00 -4.93 6.74
CA TYR D 707 -32.77 -4.69 7.96
C TYR D 707 -33.87 -3.67 7.70
N GLY D 708 -34.47 -3.73 6.52
CA GLY D 708 -35.40 -2.73 6.05
C GLY D 708 -36.83 -3.19 6.17
N CYS D 709 -37.35 -3.74 5.07
CA CYS D 709 -38.67 -4.38 5.09
C CYS D 709 -38.91 -5.30 6.29
N PRO D 710 -37.90 -5.97 6.88
CA PRO D 710 -38.18 -6.70 8.14
C PRO D 710 -38.78 -5.82 9.22
N LEU D 711 -38.35 -4.56 9.33
CA LEU D 711 -38.90 -3.61 10.28
C LEU D 711 -40.20 -2.97 9.81
N ILE D 712 -40.81 -3.48 8.76
CA ILE D 712 -42.13 -3.02 8.33
C ILE D 712 -43.17 -4.11 8.49
N ILE D 713 -42.84 -5.36 8.12
CA ILE D 713 -43.84 -6.42 8.12
C ILE D 713 -44.10 -6.92 9.54
N SER D 714 -43.05 -7.25 10.28
CA SER D 714 -43.24 -7.75 11.65
C SER D 714 -43.78 -6.68 12.58
N VAL D 715 -43.78 -5.41 12.15
CA VAL D 715 -44.44 -4.36 12.90
C VAL D 715 -45.88 -4.15 12.48
N ILE D 716 -46.14 -4.17 11.17
CA ILE D 716 -47.50 -4.03 10.69
C ILE D 716 -48.32 -5.28 11.03
N THR D 717 -47.69 -6.46 11.01
CA THR D 717 -48.41 -7.70 11.27
C THR D 717 -49.10 -7.67 12.62
N ILE D 718 -48.39 -7.22 13.66
CA ILE D 718 -49.00 -7.13 14.98
C ILE D 718 -50.16 -6.14 14.97
N ALA D 719 -50.01 -5.05 14.20
CA ALA D 719 -50.93 -3.93 14.33
C ALA D 719 -52.36 -4.31 14.00
N VAL D 720 -52.56 -5.13 12.97
CA VAL D 720 -53.91 -5.58 12.63
C VAL D 720 -54.29 -6.82 13.41
N THR D 721 -53.31 -7.60 13.87
CA THR D 721 -53.61 -8.93 14.39
C THR D 721 -54.03 -8.90 15.86
N GLN D 722 -53.43 -8.02 16.64
CA GLN D 722 -53.72 -7.98 18.07
C GLN D 722 -55.19 -7.73 18.43
N PRO D 723 -55.93 -6.85 17.75
CA PRO D 723 -57.31 -6.55 18.23
C PRO D 723 -58.21 -7.76 18.38
N SER D 724 -58.11 -8.75 17.49
CA SER D 724 -58.94 -9.95 17.59
C SER D 724 -58.28 -11.06 18.40
N ASN D 725 -57.09 -10.82 18.94
CA ASN D 725 -56.30 -11.83 19.65
C ASN D 725 -56.14 -13.10 18.79
N THR D 726 -55.87 -12.90 17.51
CA THR D 726 -55.51 -13.99 16.61
C THR D 726 -54.00 -14.08 16.42
N TYR D 727 -53.22 -13.41 17.27
CA TYR D 727 -51.78 -13.32 17.06
C TYR D 727 -51.07 -14.43 17.82
N LYS D 728 -51.74 -15.54 18.08
CA LYS D 728 -51.06 -16.69 18.64
C LYS D 728 -51.87 -17.95 18.37
N ARG D 729 -51.17 -19.08 18.35
CA ARG D 729 -51.83 -20.37 18.32
C ARG D 729 -52.19 -20.79 19.74
N LYS D 730 -53.17 -21.68 19.86
CA LYS D 730 -53.60 -22.14 21.18
C LYS D 730 -52.53 -23.01 21.85
N ASP D 731 -51.80 -23.82 21.08
CA ASP D 731 -50.89 -24.80 21.65
C ASP D 731 -49.44 -24.38 21.61
N VAL D 732 -49.01 -23.67 20.58
CA VAL D 732 -47.62 -23.26 20.42
C VAL D 732 -47.58 -21.75 20.20
N CYS D 733 -46.68 -21.08 20.89
CA CYS D 733 -46.56 -19.62 20.76
C CYS D 733 -45.96 -19.30 19.41
N TRP D 734 -46.76 -19.53 18.37
CA TRP D 734 -46.43 -19.17 17.00
C TRP D 734 -47.71 -18.98 16.22
N LEU D 735 -47.60 -18.34 15.05
CA LEU D 735 -48.74 -17.91 14.27
C LEU D 735 -49.55 -19.11 13.80
N ASN D 736 -50.86 -18.93 13.73
CA ASN D 736 -51.75 -19.95 13.21
C ASN D 736 -52.86 -19.28 12.42
N TRP D 737 -53.49 -20.03 11.53
CA TRP D 737 -54.59 -19.49 10.76
C TRP D 737 -55.71 -20.52 10.72
N SER D 738 -56.94 -20.02 10.83
CA SER D 738 -58.11 -20.89 10.71
C SER D 738 -59.29 -20.01 10.29
N ASN D 739 -59.59 -20.01 8.99
CA ASN D 739 -60.77 -19.36 8.45
C ASN D 739 -60.89 -17.92 8.95
N GLY D 740 -59.82 -17.16 8.80
CA GLY D 740 -59.75 -15.84 9.39
C GLY D 740 -58.40 -15.17 9.19
N SER D 741 -57.84 -14.64 10.29
CA SER D 741 -56.51 -14.05 10.22
C SER D 741 -55.49 -15.06 9.73
N LYS D 742 -54.62 -14.61 8.83
CA LYS D 742 -53.66 -15.48 8.14
C LYS D 742 -52.25 -14.95 8.35
N PRO D 743 -51.66 -15.23 9.51
CA PRO D 743 -50.34 -14.64 9.83
C PRO D 743 -49.16 -15.32 9.18
N LEU D 744 -49.18 -16.65 8.98
CA LEU D 744 -48.06 -17.29 8.30
C LEU D 744 -48.01 -16.94 6.82
N LEU D 745 -49.08 -16.41 6.26
CA LEU D 745 -48.99 -15.84 4.91
C LEU D 745 -48.29 -14.49 4.91
N ALA D 746 -47.73 -14.08 6.05
CA ALA D 746 -46.74 -13.02 6.13
C ALA D 746 -45.36 -13.56 6.47
N PHE D 747 -45.19 -14.88 6.52
CA PHE D 747 -43.86 -15.50 6.58
C PHE D 747 -43.60 -16.43 5.42
N VAL D 748 -44.58 -17.27 5.06
CA VAL D 748 -44.34 -18.29 4.03
C VAL D 748 -44.08 -17.63 2.68
N VAL D 749 -44.91 -16.69 2.29
CA VAL D 749 -44.81 -16.07 0.97
C VAL D 749 -43.49 -15.34 0.78
N PRO D 750 -43.03 -14.50 1.72
CA PRO D 750 -41.69 -13.91 1.53
C PRO D 750 -40.58 -14.94 1.48
N ALA D 751 -40.56 -15.86 2.44
CA ALA D 751 -39.46 -16.82 2.55
C ALA D 751 -39.20 -17.56 1.24
N LEU D 752 -40.26 -17.83 0.46
CA LEU D 752 -40.10 -18.58 -0.79
C LEU D 752 -39.87 -17.70 -2.01
N ALA D 753 -40.28 -16.42 -1.98
CA ALA D 753 -40.20 -15.62 -3.20
C ALA D 753 -38.76 -15.26 -3.54
N ILE D 754 -37.82 -15.54 -2.63
CA ILE D 754 -36.41 -15.30 -2.93
C ILE D 754 -35.75 -16.57 -3.45
N VAL D 755 -36.31 -17.75 -3.12
CA VAL D 755 -35.74 -19.01 -3.59
C VAL D 755 -35.67 -19.04 -5.12
N ALA D 756 -36.74 -18.55 -5.77
CA ALA D 756 -36.77 -18.49 -7.22
C ALA D 756 -35.61 -17.69 -7.78
N VAL D 757 -35.29 -16.54 -7.19
CA VAL D 757 -34.24 -15.70 -7.72
C VAL D 757 -32.89 -16.38 -7.59
N ASN D 758 -32.63 -17.03 -6.47
CA ASN D 758 -31.31 -17.58 -6.28
C ASN D 758 -31.09 -18.86 -7.09
N PHE D 759 -32.16 -19.60 -7.36
CA PHE D 759 -32.04 -20.72 -8.29
C PHE D 759 -31.63 -20.21 -9.68
N VAL D 760 -32.26 -19.12 -10.12
CA VAL D 760 -31.87 -18.51 -11.39
C VAL D 760 -30.41 -18.11 -11.36
N VAL D 761 -29.94 -17.58 -10.23
CA VAL D 761 -28.55 -17.18 -10.11
C VAL D 761 -27.62 -18.37 -10.33
N VAL D 762 -27.93 -19.50 -9.71
CA VAL D 762 -27.04 -20.67 -9.86
C VAL D 762 -27.06 -21.12 -11.32
N LEU D 763 -28.25 -21.20 -11.93
CA LEU D 763 -28.29 -21.60 -13.34
C LEU D 763 -27.49 -20.64 -14.21
N LEU D 764 -27.53 -19.35 -13.91
CA LEU D 764 -26.80 -18.36 -14.70
C LEU D 764 -25.29 -18.55 -14.56
N VAL D 765 -24.81 -18.83 -13.35
CA VAL D 765 -23.37 -19.05 -13.22
C VAL D 765 -22.96 -20.37 -13.89
N LEU D 766 -23.79 -21.41 -13.80
CA LEU D 766 -23.38 -22.69 -14.37
C LEU D 766 -23.14 -22.63 -15.88
N THR D 767 -23.89 -21.83 -16.64
CA THR D 767 -23.62 -21.73 -18.06
C THR D 767 -22.23 -21.20 -18.35
N LYS D 768 -21.75 -20.21 -17.59
CA LYS D 768 -20.39 -19.76 -17.71
C LYS D 768 -19.38 -20.79 -17.26
N LEU D 769 -19.69 -21.56 -16.21
CA LEU D 769 -18.68 -22.49 -15.70
C LEU D 769 -18.48 -23.70 -16.59
N TRP D 770 -19.50 -24.11 -17.35
CA TRP D 770 -19.40 -25.31 -18.19
C TRP D 770 -18.87 -24.93 -19.56
N ARG D 771 -17.54 -24.95 -19.67
CA ARG D 771 -16.87 -24.47 -20.89
C ARG D 771 -17.30 -25.20 -22.16
N PRO D 772 -17.37 -26.54 -22.20
CA PRO D 772 -17.80 -27.16 -23.48
C PRO D 772 -19.27 -26.86 -23.81
N ALA D 784 -11.79 -30.76 -15.56
CA ALA D 784 -12.75 -31.16 -14.54
C ALA D 784 -14.02 -30.33 -14.66
N THR D 785 -14.67 -30.42 -15.82
CA THR D 785 -15.91 -29.70 -16.07
C THR D 785 -17.03 -30.20 -15.17
N ILE D 786 -17.06 -31.51 -14.91
CA ILE D 786 -18.04 -32.06 -13.99
C ILE D 786 -17.77 -31.60 -12.56
N ILE D 787 -16.51 -31.64 -12.14
CA ILE D 787 -16.18 -31.33 -10.74
C ILE D 787 -16.46 -29.87 -10.44
N ARG D 788 -16.15 -28.97 -11.38
CA ARG D 788 -16.40 -27.55 -11.15
C ARG D 788 -17.88 -27.26 -10.97
N VAL D 789 -18.72 -27.83 -11.83
CA VAL D 789 -20.16 -27.61 -11.73
C VAL D 789 -20.71 -28.24 -10.45
N GLY D 790 -20.20 -29.41 -10.08
CA GLY D 790 -20.65 -30.04 -8.83
C GLY D 790 -20.31 -29.22 -7.61
N LYS D 791 -19.07 -28.71 -7.56
CA LYS D 791 -18.68 -27.84 -6.45
C LYS D 791 -19.51 -26.56 -6.43
N SER D 792 -19.82 -26.01 -7.60
CA SER D 792 -20.68 -24.82 -7.67
C SER D 792 -22.05 -25.11 -7.08
N LEU D 793 -22.63 -26.26 -7.45
CA LEU D 793 -23.95 -26.59 -6.92
C LEU D 793 -23.91 -26.77 -5.41
N LEU D 794 -22.85 -27.39 -4.89
CA LEU D 794 -22.72 -27.51 -3.44
C LEU D 794 -22.59 -26.15 -2.77
N ILE D 795 -21.76 -25.25 -3.32
CA ILE D 795 -21.46 -24.01 -2.61
C ILE D 795 -22.62 -23.03 -2.72
N LEU D 796 -23.53 -23.23 -3.69
CA LEU D 796 -24.62 -22.29 -3.76
C LEU D 796 -25.98 -22.97 -3.57
N THR D 797 -26.02 -24.20 -3.07
CA THR D 797 -27.32 -24.76 -2.72
C THR D 797 -27.88 -24.12 -1.44
N PRO D 798 -27.21 -24.22 -0.28
CA PRO D 798 -27.82 -23.67 0.93
C PRO D 798 -27.79 -22.15 1.03
N LEU D 799 -26.64 -21.55 0.73
CA LEU D 799 -26.39 -20.15 1.07
C LEU D 799 -27.30 -19.20 0.32
N LEU D 800 -27.91 -19.64 -0.76
CA LEU D 800 -28.82 -18.79 -1.53
C LEU D 800 -30.28 -19.13 -1.26
N GLY D 801 -30.56 -20.07 -0.37
CA GLY D 801 -31.94 -20.37 -0.05
C GLY D 801 -32.65 -21.22 -1.08
N LEU D 802 -32.10 -22.40 -1.39
CA LEU D 802 -32.76 -23.38 -2.25
C LEU D 802 -33.49 -24.45 -1.46
N THR D 803 -32.99 -24.78 -0.26
CA THR D 803 -33.54 -25.90 0.49
C THR D 803 -34.96 -25.61 0.97
N TRP D 804 -35.29 -24.34 1.23
CA TRP D 804 -36.61 -24.00 1.77
C TRP D 804 -37.73 -24.49 0.86
N GLY D 805 -37.46 -24.67 -0.43
CA GLY D 805 -38.44 -25.17 -1.34
C GLY D 805 -39.05 -26.49 -0.96
N PHE D 806 -38.36 -27.29 -0.12
CA PHE D 806 -38.98 -28.52 0.35
C PHE D 806 -40.36 -28.26 0.93
N GLY D 807 -40.50 -27.16 1.67
CA GLY D 807 -41.75 -26.87 2.33
C GLY D 807 -42.90 -26.59 1.41
N ILE D 808 -42.64 -26.45 0.11
CA ILE D 808 -43.76 -26.25 -0.79
C ILE D 808 -44.57 -27.53 -0.90
N GLY D 809 -44.01 -28.66 -0.45
CA GLY D 809 -44.76 -29.89 -0.43
C GLY D 809 -45.63 -30.10 0.80
N THR D 810 -45.32 -29.45 1.91
CA THR D 810 -46.07 -29.63 3.15
C THR D 810 -47.02 -28.48 3.48
N ILE D 811 -47.04 -27.46 2.62
CA ILE D 811 -47.92 -26.27 2.83
C ILE D 811 -49.05 -26.30 1.79
N VAL D 812 -49.28 -27.47 1.18
CA VAL D 812 -50.36 -27.63 0.15
C VAL D 812 -51.06 -28.97 0.38
N ASP D 813 -50.56 -29.77 1.32
CA ASP D 813 -51.15 -31.10 1.63
C ASP D 813 -51.19 -31.29 3.15
N SER D 814 -52.26 -31.92 3.66
CA SER D 814 -52.41 -32.16 5.12
C SER D 814 -51.40 -33.22 5.57
N GLN D 815 -51.51 -34.44 5.05
CA GLN D 815 -50.59 -35.55 5.41
C GLN D 815 -50.27 -36.37 4.15
N ASN D 816 -49.40 -35.83 3.28
CA ASN D 816 -49.01 -36.53 2.02
C ASN D 816 -48.43 -37.92 2.37
N LEU D 817 -47.29 -37.95 3.06
CA LEU D 817 -46.64 -39.23 3.45
C LEU D 817 -45.70 -38.98 4.63
N ALA D 818 -44.54 -38.35 4.37
CA ALA D 818 -43.57 -38.07 5.45
C ALA D 818 -42.58 -36.98 4.99
N TRP D 819 -43.01 -36.13 4.04
CA TRP D 819 -42.17 -35.05 3.53
C TRP D 819 -41.68 -34.16 4.66
N HIS D 820 -42.42 -34.12 5.77
CA HIS D 820 -42.04 -33.35 6.94
C HIS D 820 -40.64 -33.68 7.41
N VAL D 821 -40.29 -34.96 7.47
CA VAL D 821 -38.97 -35.33 7.97
C VAL D 821 -37.89 -34.87 7.00
N ILE D 822 -38.19 -34.87 5.70
CA ILE D 822 -37.24 -34.36 4.72
C ILE D 822 -37.03 -32.87 4.92
N PHE D 823 -38.12 -32.12 5.13
CA PHE D 823 -38.02 -30.69 5.35
C PHE D 823 -37.20 -30.40 6.59
N ALA D 824 -37.46 -31.12 7.67
CA ALA D 824 -36.73 -30.89 8.90
C ALA D 824 -35.25 -31.25 8.74
N LEU D 825 -34.96 -32.35 8.08
CA LEU D 825 -33.57 -32.81 7.95
C LEU D 825 -32.77 -31.89 7.06
N LEU D 826 -33.43 -31.23 6.10
CA LEU D 826 -32.66 -30.45 5.15
C LEU D 826 -32.62 -28.97 5.52
N ASN D 827 -33.64 -28.46 6.21
CA ASN D 827 -33.73 -27.03 6.49
C ASN D 827 -33.31 -26.64 7.90
N ALA D 828 -33.35 -27.58 8.85
CA ALA D 828 -33.01 -27.22 10.22
C ALA D 828 -31.51 -27.20 10.46
N PHE D 829 -30.71 -27.53 9.46
CA PHE D 829 -29.26 -27.56 9.60
C PHE D 829 -28.55 -26.58 8.68
N GLN D 830 -29.18 -25.44 8.37
CA GLN D 830 -28.56 -24.49 7.46
C GLN D 830 -27.28 -23.90 8.03
N GLY D 831 -27.20 -23.77 9.35
CA GLY D 831 -25.98 -23.21 9.94
C GLY D 831 -24.77 -24.06 9.65
N PHE D 832 -24.91 -25.37 9.78
CA PHE D 832 -23.82 -26.28 9.43
C PHE D 832 -23.49 -26.17 7.95
N PHE D 833 -24.51 -26.01 7.11
CA PHE D 833 -24.28 -25.80 5.68
C PHE D 833 -23.42 -24.57 5.43
N ILE D 834 -23.80 -23.43 5.99
CA ILE D 834 -23.06 -22.21 5.72
C ILE D 834 -21.63 -22.33 6.25
N LEU D 835 -21.47 -22.92 7.43
CA LEU D 835 -20.12 -23.00 8.00
C LEU D 835 -19.23 -23.92 7.18
N CYS D 836 -19.76 -25.04 6.69
CA CYS D 836 -18.91 -25.97 5.94
C CYS D 836 -18.64 -25.46 4.52
N PHE D 837 -19.62 -24.81 3.89
CA PHE D 837 -19.46 -24.40 2.50
C PHE D 837 -19.04 -22.95 2.33
N GLY D 838 -19.83 -22.00 2.83
CA GLY D 838 -19.51 -20.60 2.60
C GLY D 838 -18.27 -20.13 3.33
N ILE D 839 -17.71 -20.97 4.19
CA ILE D 839 -16.55 -20.62 5.00
C ILE D 839 -15.36 -21.50 4.70
N LEU D 840 -15.54 -22.82 4.73
CA LEU D 840 -14.40 -23.72 4.61
C LEU D 840 -14.00 -23.99 3.17
N LEU D 841 -14.68 -23.40 2.19
CA LEU D 841 -14.36 -23.67 0.80
C LEU D 841 -13.39 -22.65 0.19
N ASP D 842 -13.34 -21.43 0.72
CA ASP D 842 -12.40 -20.45 0.21
C ASP D 842 -10.97 -20.83 0.58
N SER D 843 -10.08 -20.83 -0.42
CA SER D 843 -8.74 -21.33 -0.20
C SER D 843 -7.92 -20.41 0.70
N LYS D 844 -7.92 -19.11 0.40
CA LYS D 844 -7.10 -18.18 1.17
C LYS D 844 -7.55 -18.12 2.61
N LEU D 845 -8.86 -18.07 2.84
CA LEU D 845 -9.38 -18.06 4.21
C LEU D 845 -9.01 -19.34 4.95
N ARG D 846 -9.07 -20.47 4.24
CA ARG D 846 -8.67 -21.73 4.84
C ARG D 846 -7.22 -21.70 5.29
N GLN D 847 -6.33 -21.22 4.42
CA GLN D 847 -4.92 -21.16 4.77
C GLN D 847 -4.69 -20.20 5.94
N LEU D 848 -5.37 -19.05 5.92
CA LEU D 848 -5.19 -18.08 7.01
C LEU D 848 -5.67 -18.66 8.33
N LEU D 849 -6.79 -19.37 8.33
CA LEU D 849 -7.26 -20.03 9.54
C LEU D 849 -6.25 -21.06 10.03
N PHE D 850 -5.71 -21.86 9.11
CA PHE D 850 -4.74 -22.88 9.51
C PHE D 850 -3.48 -22.25 10.08
N ASN D 851 -3.06 -21.11 9.51
CA ASN D 851 -1.88 -20.43 10.02
C ASN D 851 -2.14 -19.79 11.37
N LYS D 852 -3.34 -19.24 11.57
CA LYS D 852 -3.61 -18.48 12.79
C LYS D 852 -4.01 -19.41 13.94
N LEU D 853 -5.13 -20.12 13.81
CA LEU D 853 -5.61 -20.98 14.88
C LEU D 853 -4.85 -22.29 14.98
N SER D 854 -4.43 -22.87 13.87
CA SER D 854 -3.71 -24.14 13.89
C SER D 854 -2.21 -23.92 13.83
N LEU E 9 49.10 -9.34 -26.97
CA LEU E 9 47.94 -10.19 -26.75
C LEU E 9 48.27 -11.39 -25.87
N ASP E 10 49.25 -12.18 -26.32
CA ASP E 10 49.67 -13.33 -25.54
C ASP E 10 50.30 -12.93 -24.22
N GLN E 11 51.13 -11.88 -24.22
CA GLN E 11 51.72 -11.38 -22.97
C GLN E 11 50.64 -10.88 -22.03
N LEU E 12 49.64 -10.17 -22.56
CA LEU E 12 48.53 -9.72 -21.72
C LEU E 12 47.76 -10.89 -21.14
N ARG E 13 47.54 -11.94 -21.94
CA ARG E 13 46.85 -13.13 -21.43
C ARG E 13 47.65 -13.80 -20.32
N GLN E 14 48.96 -13.91 -20.49
CA GLN E 14 49.80 -14.49 -19.45
C GLN E 14 49.78 -13.66 -18.19
N GLU E 15 49.84 -12.33 -18.32
CA GLU E 15 49.78 -11.46 -17.15
C GLU E 15 48.44 -11.58 -16.44
N ALA E 16 47.35 -11.66 -17.20
CA ALA E 16 46.03 -11.83 -16.60
C ALA E 16 45.93 -13.16 -15.86
N GLU E 17 46.48 -14.24 -16.44
CA GLU E 17 46.45 -15.52 -15.77
C GLU E 17 47.27 -15.48 -14.48
N GLN E 18 48.45 -14.84 -14.51
CA GLN E 18 49.26 -14.73 -13.30
C GLN E 18 48.54 -13.92 -12.23
N LEU E 19 47.89 -12.82 -12.61
CA LEU E 19 47.16 -12.01 -11.64
C LEU E 19 45.98 -12.78 -11.07
N LYS E 20 45.28 -13.55 -11.90
CA LYS E 20 44.17 -14.37 -11.40
C LYS E 20 44.67 -15.42 -10.42
N ASN E 21 45.82 -16.04 -10.71
CA ASN E 21 46.41 -16.99 -9.78
C ASN E 21 46.78 -16.33 -8.46
N GLN E 22 47.34 -15.11 -8.52
CA GLN E 22 47.66 -14.38 -7.31
C GLN E 22 46.40 -14.07 -6.50
N ILE E 23 45.33 -13.68 -7.18
CA ILE E 23 44.07 -13.40 -6.50
C ILE E 23 43.53 -14.66 -5.83
N ARG E 24 43.60 -15.80 -6.53
CA ARG E 24 43.14 -17.05 -5.95
C ARG E 24 43.98 -17.43 -4.73
N ASP E 25 45.30 -17.23 -4.80
CA ASP E 25 46.15 -17.52 -3.65
C ASP E 25 45.82 -16.62 -2.48
N ALA E 26 45.58 -15.32 -2.73
CA ALA E 26 45.20 -14.41 -1.67
C ALA E 26 43.87 -14.81 -1.04
N ARG E 27 42.91 -15.25 -1.87
CA ARG E 27 41.63 -15.71 -1.34
C ARG E 27 41.81 -16.95 -0.47
N LYS E 28 42.66 -17.87 -0.91
CA LYS E 28 42.87 -19.11 -0.14
C LYS E 28 43.61 -18.84 1.16
N ALA E 29 44.49 -17.84 1.18
CA ALA E 29 45.32 -17.59 2.35
C ALA E 29 44.53 -17.07 3.54
N CYS E 30 43.28 -16.64 3.34
CA CYS E 30 42.49 -16.02 4.40
C CYS E 30 41.19 -16.79 4.69
N ALA E 31 41.26 -18.11 4.79
CA ALA E 31 40.08 -18.93 5.04
C ALA E 31 40.36 -19.97 6.12
N ASP E 32 40.93 -19.51 7.25
CA ASP E 32 41.30 -20.43 8.33
C ASP E 32 40.19 -20.57 9.36
N ALA E 33 39.66 -19.46 9.88
CA ALA E 33 38.62 -19.51 10.90
C ALA E 33 37.65 -18.37 10.64
N THR E 34 36.37 -18.62 10.93
CA THR E 34 35.30 -17.72 10.52
C THR E 34 34.45 -17.31 11.73
N LEU E 35 33.34 -16.64 11.44
CA LEU E 35 32.51 -16.04 12.49
C LEU E 35 31.96 -17.08 13.46
N SER E 36 31.47 -18.21 12.93
CA SER E 36 30.88 -19.25 13.76
C SER E 36 31.92 -20.07 14.51
N GLN E 37 33.19 -19.98 14.13
CA GLN E 37 34.27 -20.56 14.90
C GLN E 37 34.87 -19.56 15.88
N ILE E 38 34.34 -18.35 15.93
CA ILE E 38 34.80 -17.31 16.83
C ILE E 38 33.67 -16.78 17.70
N THR E 39 32.55 -16.39 17.08
CA THR E 39 31.48 -15.66 17.75
C THR E 39 30.25 -16.52 18.03
N ASN E 40 30.34 -17.84 17.83
CA ASN E 40 29.18 -18.68 18.11
C ASN E 40 28.84 -18.75 19.59
N ASN E 41 29.78 -18.40 20.47
CA ASN E 41 29.56 -18.45 21.91
C ASN E 41 28.85 -17.22 22.44
N ILE E 42 28.59 -16.24 21.60
CA ILE E 42 27.99 -14.98 22.06
C ILE E 42 26.55 -15.24 22.49
N ASP E 43 26.07 -14.44 23.43
CA ASP E 43 24.80 -14.71 24.07
C ASP E 43 23.58 -14.51 23.17
N PRO E 44 22.78 -15.55 22.94
CA PRO E 44 21.69 -15.46 21.96
C PRO E 44 20.76 -14.31 22.29
N VAL E 45 20.09 -13.81 21.25
CA VAL E 45 19.07 -12.78 21.42
C VAL E 45 17.78 -13.38 21.94
N GLY E 46 17.71 -14.70 22.05
CA GLY E 46 16.50 -15.33 22.54
C GLY E 46 15.35 -15.21 21.56
N ARG E 47 14.15 -15.16 22.11
CA ARG E 47 12.94 -15.03 21.31
C ARG E 47 12.54 -13.56 21.30
N ILE E 48 12.50 -12.97 20.11
CA ILE E 48 12.16 -11.56 19.97
C ILE E 48 10.65 -11.58 19.81
N GLN E 49 9.95 -11.51 20.95
CA GLN E 49 8.48 -11.49 20.97
C GLN E 49 8.05 -10.09 20.53
N MET E 50 8.25 -9.86 19.25
CA MET E 50 8.26 -8.53 18.69
C MET E 50 6.93 -8.31 17.97
N ARG E 51 6.20 -7.31 18.42
CA ARG E 51 4.78 -7.18 18.14
C ARG E 51 4.49 -5.91 17.40
N THR E 52 3.48 -5.96 16.55
CA THR E 52 3.06 -4.77 15.81
C THR E 52 2.71 -3.67 16.80
N ARG E 53 3.15 -2.44 16.52
CA ARG E 53 2.61 -1.30 17.25
C ARG E 53 1.74 -0.41 16.39
N ARG E 54 2.02 -0.35 15.10
CA ARG E 54 1.20 0.40 14.17
C ARG E 54 1.26 -0.28 12.82
N THR E 55 0.13 -0.27 12.12
CA THR E 55 0.06 -0.74 10.75
C THR E 55 -0.15 0.45 9.86
N LEU E 56 0.90 0.88 9.18
CA LEU E 56 0.82 1.92 8.18
C LEU E 56 0.00 1.32 7.04
N ARG E 57 -1.23 1.77 6.91
CA ARG E 57 -2.09 1.39 5.82
C ARG E 57 -2.02 2.44 4.72
N GLY E 58 -2.44 2.05 3.53
CA GLY E 58 -2.47 2.98 2.43
C GLY E 58 -2.01 2.41 1.12
N HIS E 59 -1.09 1.46 1.13
CA HIS E 59 -0.59 0.95 -0.15
C HIS E 59 -1.66 0.14 -0.85
N LEU E 60 -1.88 0.43 -2.13
CA LEU E 60 -2.88 -0.24 -2.96
C LEU E 60 -2.26 -1.30 -3.87
N ALA E 61 -0.97 -1.58 -3.68
CA ALA E 61 -0.26 -2.57 -4.48
C ALA E 61 0.90 -3.07 -3.64
N LYS E 62 1.85 -3.72 -4.30
CA LYS E 62 3.00 -4.24 -3.58
C LYS E 62 3.93 -3.11 -3.16
N ILE E 63 4.74 -3.39 -2.14
CA ILE E 63 5.78 -2.48 -1.68
C ILE E 63 7.09 -3.00 -2.25
N TYR E 64 7.94 -2.09 -2.76
CA TYR E 64 9.25 -2.52 -3.23
C TYR E 64 10.42 -1.90 -2.49
N ALA E 65 10.28 -0.70 -1.92
CA ALA E 65 11.37 -0.10 -1.18
C ALA E 65 10.85 0.88 -0.14
N MET E 66 11.56 0.92 1.00
CA MET E 66 11.42 1.93 2.04
C MET E 66 12.81 2.39 2.44
N HIS E 67 12.89 3.60 3.00
CA HIS E 67 14.15 4.12 3.52
C HIS E 67 13.85 4.98 4.74
N TRP E 68 14.66 4.83 5.79
CA TRP E 68 14.46 5.59 7.02
C TRP E 68 15.20 6.92 6.96
N GLY E 69 14.55 7.96 7.44
CA GLY E 69 15.15 9.27 7.51
C GLY E 69 16.19 9.35 8.62
N THR E 70 16.75 10.55 8.79
CA THR E 70 17.81 10.77 9.76
C THR E 70 17.31 11.26 11.11
N ASP E 71 16.03 11.62 11.22
CA ASP E 71 15.45 12.02 12.49
C ASP E 71 14.75 10.87 13.20
N SER E 72 14.83 9.67 12.65
CA SER E 72 14.17 8.47 13.17
C SER E 72 12.67 8.62 13.31
N ARG E 73 12.07 9.55 12.61
CA ARG E 73 10.63 9.75 12.66
C ARG E 73 10.00 9.83 11.28
N LEU E 74 10.69 10.43 10.33
CA LEU E 74 10.15 10.63 8.99
C LEU E 74 10.65 9.50 8.10
N LEU E 75 9.71 8.81 7.47
CA LEU E 75 9.97 7.56 6.75
C LEU E 75 9.55 7.75 5.30
N VAL E 76 10.18 7.00 4.39
CA VAL E 76 9.82 7.00 2.99
C VAL E 76 9.61 5.57 2.54
N SER E 77 8.58 5.33 1.75
CA SER E 77 8.33 4.00 1.20
C SER E 77 7.63 4.13 -0.13
N ALA E 78 7.83 3.16 -1.01
CA ALA E 78 7.31 3.30 -2.36
C ALA E 78 6.86 1.99 -2.96
N SER E 79 5.89 2.10 -3.87
CA SER E 79 5.16 0.95 -4.36
C SER E 79 5.32 0.81 -5.86
N GLN E 80 4.91 -0.34 -6.36
CA GLN E 80 4.74 -0.56 -7.78
C GLN E 80 3.37 -0.12 -8.27
N ASP E 81 2.72 0.75 -7.50
CA ASP E 81 1.54 1.48 -7.94
C ASP E 81 1.89 2.86 -8.48
N GLY E 82 2.99 3.45 -8.05
CA GLY E 82 3.37 4.78 -8.46
C GLY E 82 3.34 5.83 -7.39
N LYS E 83 3.50 5.45 -6.12
CA LYS E 83 3.53 6.40 -5.01
C LYS E 83 4.76 6.19 -4.15
N LEU E 84 5.24 7.32 -3.61
CA LEU E 84 6.38 7.40 -2.71
C LEU E 84 5.97 8.30 -1.54
N ILE E 85 5.84 7.72 -0.36
CA ILE E 85 5.24 8.39 0.79
C ILE E 85 6.32 8.76 1.79
N ILE E 86 6.26 10.01 2.26
CA ILE E 86 6.95 10.49 3.45
C ILE E 86 5.92 10.50 4.57
N TRP E 87 6.21 9.81 5.66
CA TRP E 87 5.21 9.48 6.66
C TRP E 87 5.79 9.57 8.06
N ASP E 88 4.91 9.73 9.05
CA ASP E 88 5.32 9.97 10.44
C ASP E 88 5.10 8.69 11.24
N SER E 89 6.17 8.14 11.83
CA SER E 89 6.03 6.91 12.59
C SER E 89 5.42 7.10 13.98
N TYR E 90 5.76 8.18 14.70
CA TYR E 90 5.32 8.35 16.08
C TYR E 90 3.80 8.44 16.21
N THR E 91 3.16 9.16 15.31
CA THR E 91 1.73 9.38 15.40
C THR E 91 0.99 8.80 14.21
N THR E 92 1.67 8.02 13.38
CA THR E 92 1.09 7.40 12.19
C THR E 92 0.38 8.46 11.34
N ASN E 93 1.14 9.47 10.95
CA ASN E 93 0.65 10.55 10.11
C ASN E 93 1.41 10.59 8.80
N LYS E 94 0.71 10.94 7.73
CA LYS E 94 1.35 11.10 6.44
C LYS E 94 1.66 12.56 6.18
N VAL E 95 2.93 12.84 5.90
CA VAL E 95 3.44 14.19 5.74
C VAL E 95 3.46 14.61 4.28
N HIS E 96 3.96 13.73 3.40
CA HIS E 96 4.00 13.99 1.97
C HIS E 96 3.64 12.74 1.19
N ALA E 97 3.00 12.95 0.04
CA ALA E 97 2.78 11.92 -0.96
C ALA E 97 3.35 12.43 -2.27
N ILE E 98 4.28 11.68 -2.86
CA ILE E 98 4.99 12.06 -4.07
C ILE E 98 4.58 11.11 -5.19
N PRO E 99 3.95 11.59 -6.25
CA PRO E 99 3.70 10.74 -7.41
C PRO E 99 4.97 10.56 -8.24
N LEU E 100 5.04 9.42 -8.92
CA LEU E 100 6.19 9.07 -9.73
C LEU E 100 5.84 9.09 -11.21
N ARG E 101 6.89 9.05 -12.04
CA ARG E 101 6.71 9.15 -13.49
C ARG E 101 6.52 7.79 -14.16
N SER E 102 7.13 6.73 -13.62
CA SER E 102 6.98 5.39 -14.16
C SER E 102 6.87 4.42 -13.00
N SER E 103 5.88 3.55 -13.04
CA SER E 103 5.57 2.73 -11.88
C SER E 103 6.52 1.56 -11.70
N TRP E 104 7.34 1.23 -12.70
CA TRP E 104 8.24 0.08 -12.61
C TRP E 104 9.52 0.49 -11.89
N VAL E 105 9.31 0.90 -10.65
CA VAL E 105 10.33 1.56 -9.84
C VAL E 105 10.74 0.61 -8.72
N MET E 106 12.04 0.44 -8.55
CA MET E 106 12.54 -0.63 -7.70
C MET E 106 13.55 -0.19 -6.65
N THR E 107 13.70 1.11 -6.40
CA THR E 107 14.59 1.61 -5.37
C THR E 107 14.24 3.05 -5.02
N CYS E 108 14.64 3.47 -3.81
CA CYS E 108 14.38 4.83 -3.33
C CYS E 108 15.52 5.29 -2.42
N ALA E 109 15.63 6.61 -2.28
CA ALA E 109 16.68 7.23 -1.49
C ALA E 109 16.14 8.44 -0.75
N TYR E 110 16.83 8.83 0.32
CA TYR E 110 16.40 9.89 1.24
C TYR E 110 17.64 10.68 1.66
N ALA E 111 17.66 11.98 1.36
CA ALA E 111 18.89 12.75 1.47
C ALA E 111 19.32 12.90 2.93
N PRO E 112 20.62 12.90 3.21
CA PRO E 112 21.06 12.89 4.61
C PRO E 112 20.87 14.22 5.32
N SER E 113 21.01 15.34 4.62
CA SER E 113 20.73 16.64 5.23
C SER E 113 19.24 16.88 5.42
N GLY E 114 18.39 16.03 4.85
CA GLY E 114 16.98 16.10 5.08
C GLY E 114 16.20 16.90 4.06
N ASN E 115 16.79 17.23 2.92
CA ASN E 115 16.13 18.11 1.97
C ASN E 115 15.66 17.42 0.70
N TYR E 116 16.27 16.29 0.29
CA TYR E 116 15.98 15.69 -1.00
C TYR E 116 15.66 14.20 -0.88
N VAL E 117 15.06 13.68 -1.95
CA VAL E 117 14.86 12.25 -2.16
C VAL E 117 15.19 11.90 -3.62
N ALA E 118 15.25 10.60 -3.90
CA ALA E 118 15.57 10.12 -5.23
C ALA E 118 14.84 8.80 -5.49
N CYS E 119 14.68 8.46 -6.76
CA CYS E 119 14.00 7.23 -7.15
C CYS E 119 14.55 6.73 -8.49
N GLY E 120 14.27 5.47 -8.78
CA GLY E 120 14.71 4.88 -10.04
C GLY E 120 14.10 3.51 -10.26
N GLY E 121 14.06 3.12 -11.54
CA GLY E 121 13.48 1.84 -11.91
C GLY E 121 13.91 1.33 -13.26
N LEU E 122 12.98 0.66 -13.97
CA LEU E 122 13.30 0.06 -15.26
C LEU E 122 13.51 1.08 -16.37
N ASP E 123 12.90 2.27 -16.26
CA ASP E 123 12.94 3.25 -17.34
C ASP E 123 14.33 3.85 -17.54
N ASN E 124 15.32 3.36 -16.78
CA ASN E 124 16.75 3.58 -16.92
C ASN E 124 17.25 4.87 -16.25
N ILE E 125 16.35 5.71 -15.70
CA ILE E 125 16.65 7.07 -15.28
C ILE E 125 16.65 7.15 -13.76
N CYS E 126 17.43 8.09 -13.20
CA CYS E 126 17.44 8.36 -11.76
C CYS E 126 16.94 9.79 -11.51
N SER E 127 15.91 9.93 -10.67
CA SER E 127 15.26 11.22 -10.48
C SER E 127 15.44 11.73 -9.05
N ILE E 128 15.55 13.06 -8.90
CA ILE E 128 15.83 13.72 -7.64
C ILE E 128 14.81 14.83 -7.38
N TYR E 129 14.16 14.75 -6.21
CA TYR E 129 13.12 15.66 -5.76
C TYR E 129 13.60 16.47 -4.55
N ASN E 130 13.13 17.72 -4.46
CA ASN E 130 13.54 18.67 -3.41
C ASN E 130 12.36 18.92 -2.48
N LEU E 131 12.61 18.87 -1.17
CA LEU E 131 11.55 18.95 -0.15
C LEU E 131 11.32 20.35 0.42
N LYS E 132 12.35 20.95 1.02
CA LYS E 132 12.20 22.16 1.83
C LYS E 132 12.13 23.38 0.92
N THR E 133 11.04 23.47 0.17
CA THR E 133 10.83 24.61 -0.71
C THR E 133 10.08 25.70 0.06
N ARG E 134 10.22 26.94 -0.41
CA ARG E 134 9.47 28.02 0.21
C ARG E 134 8.07 28.17 -0.38
N GLU E 135 7.79 27.49 -1.49
CA GLU E 135 6.50 27.69 -2.15
C GLU E 135 5.45 26.67 -1.72
N GLY E 136 5.83 25.66 -0.95
CA GLY E 136 4.85 24.75 -0.39
C GLY E 136 4.55 23.49 -1.16
N ASN E 137 5.56 22.82 -1.71
CA ASN E 137 5.37 21.52 -2.34
C ASN E 137 6.72 20.84 -2.50
N VAL E 138 6.70 19.60 -2.97
CA VAL E 138 7.90 18.86 -3.31
C VAL E 138 7.95 18.69 -4.82
N ARG E 139 9.03 19.15 -5.43
CA ARG E 139 9.17 19.10 -6.88
C ARG E 139 10.43 18.35 -7.26
N VAL E 140 10.46 17.89 -8.51
CA VAL E 140 11.60 17.21 -9.08
C VAL E 140 12.66 18.23 -9.48
N SER E 141 13.89 18.01 -9.04
CA SER E 141 14.98 18.91 -9.40
C SER E 141 15.90 18.35 -10.47
N ARG E 142 16.08 17.02 -10.53
CA ARG E 142 16.98 16.46 -11.53
C ARG E 142 16.44 15.18 -12.13
N GLU E 143 16.76 14.98 -13.41
CA GLU E 143 16.57 13.70 -14.09
C GLU E 143 17.90 13.31 -14.71
N LEU E 144 18.38 12.11 -14.41
CA LEU E 144 19.69 11.66 -14.84
C LEU E 144 19.54 10.47 -15.78
N ALA E 145 20.06 10.61 -17.00
CA ALA E 145 20.00 9.62 -18.07
C ALA E 145 21.41 9.37 -18.58
N GLY E 146 21.62 8.20 -19.15
CA GLY E 146 22.94 7.82 -19.62
C GLY E 146 23.25 6.36 -19.38
N HIS E 147 22.39 5.70 -18.62
CA HIS E 147 22.43 4.24 -18.52
C HIS E 147 21.59 3.63 -19.65
N THR E 148 21.85 2.35 -19.94
CA THR E 148 21.15 1.67 -21.02
C THR E 148 20.19 0.59 -20.57
N GLY E 149 20.52 -0.16 -19.51
CA GLY E 149 19.60 -1.12 -18.94
C GLY E 149 18.96 -0.59 -17.68
N TYR E 150 18.04 -1.40 -17.14
CA TYR E 150 17.17 -0.91 -16.08
C TYR E 150 17.99 -0.50 -14.87
N LEU E 151 17.48 0.50 -14.15
CA LEU E 151 18.15 1.09 -12.99
C LEU E 151 17.60 0.45 -11.72
N SER E 152 18.50 -0.04 -10.88
CA SER E 152 18.08 -0.90 -9.80
C SER E 152 18.38 -0.34 -8.40
N CYS E 153 19.23 0.67 -8.26
CA CYS E 153 19.64 1.12 -6.93
C CYS E 153 20.25 2.52 -7.02
N CYS E 154 20.07 3.30 -5.94
CA CYS E 154 20.61 4.66 -5.91
C CYS E 154 20.81 5.12 -4.46
N ARG E 155 21.93 5.81 -4.22
CA ARG E 155 22.22 6.40 -2.93
C ARG E 155 22.72 7.83 -3.10
N PHE E 156 22.52 8.64 -2.07
CA PHE E 156 23.02 10.00 -2.03
C PHE E 156 24.40 10.02 -1.40
N LEU E 157 25.32 10.75 -2.02
CA LEU E 157 26.65 10.96 -1.43
C LEU E 157 26.70 12.20 -0.54
N ASP E 158 26.14 13.30 -1.03
CA ASP E 158 25.99 14.58 -0.37
C ASP E 158 24.79 15.24 -1.02
N ASP E 159 24.67 16.55 -0.83
CA ASP E 159 23.55 17.25 -1.45
C ASP E 159 23.72 17.38 -2.96
N ASN E 160 24.90 17.10 -3.51
CA ASN E 160 25.19 17.36 -4.92
C ASN E 160 25.78 16.18 -5.67
N GLN E 161 25.86 15.00 -5.06
CA GLN E 161 26.45 13.83 -5.71
C GLN E 161 25.55 12.63 -5.46
N ILE E 162 25.35 11.81 -6.50
CA ILE E 162 24.43 10.67 -6.41
C ILE E 162 25.03 9.47 -7.14
N VAL E 163 24.91 8.29 -6.54
CA VAL E 163 25.47 7.04 -7.08
C VAL E 163 24.31 6.19 -7.57
N THR E 164 24.42 5.67 -8.80
CA THR E 164 23.38 4.80 -9.35
C THR E 164 24.00 3.54 -9.95
N SER E 165 23.18 2.49 -10.04
CA SER E 165 23.58 1.24 -10.67
C SER E 165 22.40 0.69 -11.49
N SER E 166 22.74 -0.05 -12.53
CA SER E 166 21.73 -0.48 -13.52
C SER E 166 22.06 -1.89 -13.99
N GLY E 167 21.16 -2.42 -14.85
CA GLY E 167 21.32 -3.76 -15.37
C GLY E 167 22.17 -3.94 -16.63
N ASP E 168 23.38 -3.40 -16.62
CA ASP E 168 24.22 -3.33 -17.82
C ASP E 168 25.66 -3.76 -17.58
N THR E 169 25.99 -4.19 -16.37
CA THR E 169 27.35 -4.26 -15.83
C THR E 169 27.90 -2.85 -15.60
N THR E 170 27.02 -1.85 -15.46
CA THR E 170 27.43 -0.46 -15.33
C THR E 170 26.95 0.12 -14.00
N CYS E 171 27.82 0.93 -13.40
CA CYS E 171 27.50 1.80 -12.28
C CYS E 171 27.94 3.20 -12.65
N ALA E 172 27.55 4.19 -11.86
CA ALA E 172 27.90 5.55 -12.21
C ALA E 172 27.83 6.46 -11.00
N LEU E 173 28.74 7.45 -10.94
CA LEU E 173 28.65 8.55 -10.00
C LEU E 173 28.30 9.81 -10.78
N TRP E 174 27.36 10.55 -10.27
CA TRP E 174 26.68 11.60 -11.01
C TRP E 174 26.77 12.89 -10.21
N ASP E 175 27.15 13.97 -10.90
CA ASP E 175 27.12 15.32 -10.35
C ASP E 175 25.70 15.85 -10.48
N ILE E 176 25.03 16.03 -9.33
CA ILE E 176 23.63 16.44 -9.35
C ILE E 176 23.50 17.83 -9.95
N GLU E 177 24.48 18.68 -9.69
CA GLU E 177 24.40 20.09 -10.05
C GLU E 177 24.38 20.30 -11.56
N THR E 178 25.14 19.49 -12.29
CA THR E 178 25.33 19.69 -13.73
C THR E 178 24.67 18.63 -14.61
N GLY E 179 24.36 17.45 -14.07
CA GLY E 179 23.79 16.38 -14.84
C GLY E 179 24.77 15.53 -15.60
N GLN E 180 26.06 15.69 -15.36
CA GLN E 180 27.09 14.99 -16.11
C GLN E 180 27.76 13.93 -15.25
N GLN E 181 27.88 12.73 -15.81
CA GLN E 181 28.53 11.64 -15.12
C GLN E 181 30.01 11.97 -14.92
N THR E 182 30.39 12.22 -13.68
CA THR E 182 31.79 12.46 -13.38
C THR E 182 32.66 11.25 -13.61
N THR E 183 32.17 10.04 -13.32
CA THR E 183 32.97 8.84 -13.49
C THR E 183 32.06 7.61 -13.43
N THR E 184 32.22 6.74 -14.43
CA THR E 184 31.35 5.59 -14.63
C THR E 184 32.15 4.29 -14.51
N PHE E 185 31.45 3.21 -14.21
CA PHE E 185 32.05 1.97 -13.75
C PHE E 185 31.55 0.83 -14.63
N THR E 186 32.49 0.10 -15.24
CA THR E 186 32.19 -1.06 -16.07
C THR E 186 33.11 -2.21 -15.71
N GLY E 187 32.63 -3.43 -15.92
CA GLY E 187 33.45 -4.59 -15.62
C GLY E 187 32.74 -5.81 -15.06
N HIS E 188 31.43 -5.72 -14.82
CA HIS E 188 30.68 -6.93 -14.53
C HIS E 188 30.46 -7.72 -15.83
N THR E 189 29.78 -8.86 -15.69
CA THR E 189 29.32 -9.60 -16.86
C THR E 189 27.80 -9.71 -16.92
N GLY E 190 27.12 -9.67 -15.78
CA GLY E 190 25.67 -9.77 -15.74
C GLY E 190 25.04 -8.50 -15.21
N ASP E 191 23.72 -8.54 -15.12
CA ASP E 191 22.96 -7.38 -14.66
C ASP E 191 23.30 -7.02 -13.22
N VAL E 192 23.48 -5.72 -12.97
CA VAL E 192 23.74 -5.20 -11.63
C VAL E 192 22.41 -4.75 -11.04
N MET E 193 22.14 -5.18 -9.80
CA MET E 193 20.83 -5.02 -9.20
C MET E 193 20.80 -4.11 -7.97
N SER E 194 21.95 -3.77 -7.37
CA SER E 194 21.89 -3.07 -6.09
C SER E 194 23.27 -2.52 -5.71
N LEU E 195 23.27 -1.58 -4.75
CA LEU E 195 24.49 -1.10 -4.12
C LEU E 195 24.16 -0.49 -2.77
N SER E 196 25.15 -0.45 -1.89
CA SER E 196 24.94 0.02 -0.52
C SER E 196 26.10 0.89 -0.07
N LEU E 197 25.78 2.16 0.18
CA LEU E 197 26.77 3.24 0.30
C LEU E 197 27.49 3.16 1.63
N ALA E 198 28.77 3.49 1.60
CA ALA E 198 29.60 3.41 2.79
C ALA E 198 29.20 4.50 3.78
N PRO E 199 29.45 4.27 5.07
CA PRO E 199 29.15 5.32 6.06
C PRO E 199 29.92 6.60 5.84
N ASP E 200 31.06 6.53 5.17
CA ASP E 200 31.93 7.67 4.92
C ASP E 200 31.62 8.35 3.58
N THR E 201 30.67 7.81 2.82
CA THR E 201 30.30 8.36 1.51
C THR E 201 31.50 8.52 0.59
N ARG E 202 32.32 7.46 0.50
CA ARG E 202 33.45 7.41 -0.43
C ARG E 202 33.51 6.14 -1.28
N LEU E 203 32.74 5.11 -0.92
CA LEU E 203 32.83 3.80 -1.55
C LEU E 203 31.44 3.33 -1.93
N PHE E 204 31.38 2.25 -2.71
CA PHE E 204 30.13 1.50 -2.80
C PHE E 204 30.40 0.10 -3.34
N VAL E 205 29.61 -0.86 -2.85
CA VAL E 205 29.68 -2.24 -3.30
C VAL E 205 28.37 -2.59 -3.97
N SER E 206 28.46 -3.27 -5.12
CA SER E 206 27.30 -3.58 -5.96
C SER E 206 27.23 -5.07 -6.24
N GLY E 207 26.01 -5.61 -6.26
CA GLY E 207 25.79 -7.01 -6.55
C GLY E 207 25.14 -7.19 -7.91
N ALA E 208 25.63 -8.19 -8.65
CA ALA E 208 25.22 -8.43 -10.01
C ALA E 208 24.96 -9.91 -10.22
N CYS E 209 24.02 -10.18 -11.14
CA CYS E 209 23.39 -11.48 -11.33
C CYS E 209 24.34 -12.44 -12.01
N ASP E 210 25.54 -12.58 -11.48
CA ASP E 210 26.47 -13.60 -11.92
C ASP E 210 27.17 -14.13 -10.67
N ALA E 211 26.45 -14.16 -9.55
CA ALA E 211 27.02 -14.42 -8.25
C ALA E 211 28.21 -13.49 -8.02
N SER E 212 28.00 -12.20 -8.37
CA SER E 212 29.15 -11.31 -8.36
C SER E 212 28.88 -10.11 -7.47
N ALA E 213 29.91 -9.71 -6.75
CA ALA E 213 29.89 -8.43 -6.05
C ALA E 213 31.15 -7.69 -6.43
N LYS E 214 31.05 -6.38 -6.57
CA LYS E 214 32.20 -5.56 -6.94
C LYS E 214 32.25 -4.29 -6.10
N LEU E 215 33.48 -3.90 -5.73
CA LEU E 215 33.73 -2.77 -4.86
C LEU E 215 34.33 -1.63 -5.68
N TRP E 216 33.84 -0.41 -5.46
CA TRP E 216 34.18 0.73 -6.31
C TRP E 216 34.42 1.99 -5.50
N ASP E 217 35.34 2.82 -6.01
CA ASP E 217 35.61 4.15 -5.48
C ASP E 217 34.83 5.19 -6.28
N VAL E 218 34.25 6.16 -5.58
CA VAL E 218 33.42 7.16 -6.25
C VAL E 218 34.26 8.19 -6.99
N ARG E 219 35.41 8.61 -6.42
CA ARG E 219 36.17 9.69 -7.04
C ARG E 219 36.79 9.30 -8.36
N GLU E 220 37.44 8.14 -8.43
CA GLU E 220 38.22 7.72 -9.58
C GLU E 220 37.37 7.05 -10.66
N GLY E 221 36.71 5.95 -10.32
CA GLY E 221 36.01 5.12 -11.26
C GLY E 221 36.52 3.70 -11.35
N MET E 222 37.69 3.41 -10.78
CA MET E 222 38.27 2.08 -10.83
C MET E 222 37.61 1.15 -9.81
N CYS E 223 37.53 -0.14 -10.16
CA CYS E 223 37.07 -1.17 -9.25
C CYS E 223 38.26 -1.82 -8.57
N ARG E 224 38.08 -2.24 -7.34
CA ARG E 224 39.18 -2.82 -6.57
C ARG E 224 38.94 -4.25 -6.13
N GLN E 225 37.71 -4.75 -6.18
CA GLN E 225 37.46 -6.10 -5.69
C GLN E 225 36.23 -6.74 -6.32
N THR E 226 36.28 -8.06 -6.51
CA THR E 226 35.13 -8.85 -6.95
C THR E 226 35.04 -10.11 -6.11
N PHE E 227 33.88 -10.36 -5.54
CA PHE E 227 33.59 -11.54 -4.74
C PHE E 227 32.60 -12.43 -5.48
N THR E 228 32.74 -13.74 -5.30
CA THR E 228 31.85 -14.71 -5.92
C THR E 228 31.42 -15.69 -4.83
N GLY E 229 30.57 -16.66 -5.20
CA GLY E 229 30.13 -17.69 -4.28
C GLY E 229 28.66 -18.04 -4.35
N HIS E 230 27.85 -17.42 -5.21
CA HIS E 230 26.44 -17.74 -5.27
C HIS E 230 26.09 -18.53 -6.52
N GLU E 231 24.80 -18.77 -6.71
CA GLU E 231 24.35 -19.72 -7.71
C GLU E 231 23.18 -19.23 -8.55
N SER E 232 22.57 -18.11 -8.20
CA SER E 232 21.55 -17.51 -9.05
C SER E 232 21.65 -15.99 -8.92
N ASP E 233 20.62 -15.31 -9.38
CA ASP E 233 20.58 -13.86 -9.33
C ASP E 233 20.60 -13.36 -7.89
N ILE E 234 21.43 -12.35 -7.64
CA ILE E 234 21.50 -11.69 -6.33
C ILE E 234 20.61 -10.47 -6.37
N ASN E 235 19.62 -10.43 -5.49
CA ASN E 235 18.52 -9.49 -5.59
C ASN E 235 18.70 -8.25 -4.74
N ALA E 236 19.11 -8.40 -3.48
CA ALA E 236 19.17 -7.25 -2.57
C ALA E 236 20.49 -7.27 -1.82
N ILE E 237 21.05 -6.06 -1.65
CA ILE E 237 22.32 -5.83 -0.99
C ILE E 237 22.15 -4.70 0.02
N CYS E 238 22.85 -4.82 1.15
CA CYS E 238 23.01 -3.72 2.09
C CYS E 238 24.40 -3.78 2.71
N PHE E 239 24.62 -2.87 3.66
CA PHE E 239 25.97 -2.53 4.07
C PHE E 239 26.02 -2.49 5.60
N PHE E 240 27.11 -2.98 6.17
CA PHE E 240 27.28 -2.85 7.61
C PHE E 240 27.55 -1.39 7.98
N PRO E 241 26.87 -0.86 8.99
CA PRO E 241 26.99 0.59 9.26
C PRO E 241 28.37 1.09 9.67
N ASN E 242 29.40 0.25 9.73
CA ASN E 242 30.72 0.78 10.03
C ASN E 242 31.66 0.75 8.83
N GLY E 243 31.27 0.16 7.70
CA GLY E 243 32.08 0.19 6.52
C GLY E 243 33.13 -0.90 6.39
N ASN E 244 32.94 -2.05 7.02
CA ASN E 244 33.88 -3.15 6.86
C ASN E 244 33.27 -4.38 6.20
N ALA E 245 31.95 -4.45 6.08
CA ALA E 245 31.29 -5.66 5.62
C ALA E 245 29.97 -5.30 4.96
N PHE E 246 29.38 -6.24 4.25
CA PHE E 246 28.06 -6.06 3.66
C PHE E 246 27.39 -7.42 3.52
N ALA E 247 26.10 -7.42 3.31
CA ALA E 247 25.33 -8.65 3.17
C ALA E 247 24.44 -8.54 1.94
N THR E 248 24.36 -9.66 1.23
CA THR E 248 23.60 -9.77 -0.01
C THR E 248 22.55 -10.86 0.12
N GLY E 249 21.50 -10.74 -0.67
CA GLY E 249 20.44 -11.72 -0.73
C GLY E 249 20.46 -12.40 -2.09
N SER E 250 20.34 -13.72 -2.09
CA SER E 250 20.43 -14.52 -3.29
C SER E 250 19.10 -15.20 -3.55
N ASP E 251 18.87 -15.60 -4.81
CA ASP E 251 17.62 -16.23 -5.16
C ASP E 251 17.72 -17.76 -5.12
N ASP E 252 18.87 -18.30 -4.69
CA ASP E 252 19.00 -19.72 -4.44
C ASP E 252 18.74 -20.09 -2.98
N ALA E 253 17.94 -19.29 -2.28
CA ALA E 253 17.45 -19.56 -0.93
C ALA E 253 18.53 -19.43 0.14
N THR E 254 19.54 -18.59 -0.06
CA THR E 254 20.53 -18.32 0.96
C THR E 254 20.83 -16.83 1.04
N CYS E 255 21.16 -16.37 2.25
CA CYS E 255 21.67 -15.01 2.46
C CYS E 255 23.17 -15.09 2.68
N ARG E 256 23.90 -14.03 2.36
CA ARG E 256 25.34 -14.07 2.58
C ARG E 256 25.85 -12.77 3.17
N LEU E 257 26.92 -12.91 3.94
CA LEU E 257 27.64 -11.80 4.52
C LEU E 257 29.08 -11.89 4.03
N PHE E 258 29.45 -10.95 3.15
CA PHE E 258 30.82 -10.80 2.65
C PHE E 258 31.50 -9.67 3.42
N ASP E 259 32.82 -9.66 3.37
CA ASP E 259 33.61 -8.55 3.90
C ASP E 259 34.20 -7.77 2.72
N LEU E 260 34.31 -6.45 2.90
CA LEU E 260 34.95 -5.60 1.88
C LEU E 260 36.47 -5.62 1.98
N ARG E 261 37.04 -6.52 2.75
CA ARG E 261 38.47 -6.72 2.78
C ARG E 261 38.89 -8.17 2.68
N ALA E 262 38.06 -9.10 3.15
CA ALA E 262 38.43 -10.51 3.25
C ALA E 262 38.50 -11.21 1.89
N ASP E 263 37.93 -10.62 0.84
CA ASP E 263 38.05 -11.14 -0.52
C ASP E 263 37.41 -12.53 -0.64
N GLN E 264 36.32 -12.74 0.10
CA GLN E 264 35.57 -13.99 -0.01
C GLN E 264 34.26 -13.83 0.75
N GLU E 265 33.40 -14.82 0.59
CA GLU E 265 32.18 -14.90 1.39
C GLU E 265 32.51 -15.31 2.81
N LEU E 266 31.93 -14.59 3.78
CA LEU E 266 32.11 -14.94 5.18
C LEU E 266 31.08 -15.95 5.67
N MET E 267 29.79 -15.57 5.68
CA MET E 267 28.74 -16.50 6.10
C MET E 267 27.56 -16.60 5.16
N THR E 268 26.88 -17.75 5.26
CA THR E 268 25.70 -18.10 4.49
C THR E 268 24.59 -18.51 5.46
N TYR E 269 23.42 -17.94 5.26
CA TYR E 269 22.23 -18.26 6.04
C TYR E 269 21.34 -19.13 5.17
N SER E 270 21.04 -20.33 5.65
CA SER E 270 20.23 -21.29 4.92
C SER E 270 19.77 -22.38 5.87
N HIS E 271 18.73 -23.10 5.44
CA HIS E 271 18.22 -24.25 6.18
C HIS E 271 17.65 -25.24 5.16
N ASP E 272 17.55 -26.50 5.57
CA ASP E 272 17.05 -27.53 4.66
C ASP E 272 15.62 -27.24 4.22
N ASN E 273 14.76 -26.86 5.14
CA ASN E 273 13.35 -26.64 4.84
C ASN E 273 13.06 -25.28 4.25
N ILE E 274 14.08 -24.55 3.80
CA ILE E 274 13.90 -23.24 3.17
C ILE E 274 14.43 -23.35 1.75
N ILE E 275 13.53 -23.15 0.77
CA ILE E 275 13.90 -23.20 -0.63
C ILE E 275 13.37 -21.99 -1.40
N CYS E 276 13.15 -20.87 -0.74
CA CYS E 276 12.56 -19.70 -1.38
C CYS E 276 13.57 -18.55 -1.50
N GLY E 277 13.16 -17.49 -2.20
CA GLY E 277 14.08 -16.40 -2.47
C GLY E 277 14.26 -15.46 -1.29
N ILE E 278 15.32 -14.66 -1.35
CA ILE E 278 15.59 -13.58 -0.40
C ILE E 278 15.41 -12.27 -1.13
N THR E 279 14.49 -11.45 -0.66
CA THR E 279 14.22 -10.21 -1.38
C THR E 279 14.82 -8.98 -0.71
N SER E 280 15.32 -9.09 0.51
CA SER E 280 16.01 -7.98 1.14
C SER E 280 16.72 -8.44 2.40
N VAL E 281 17.86 -7.81 2.68
CA VAL E 281 18.53 -7.93 3.96
C VAL E 281 18.82 -6.53 4.49
N SER E 282 18.60 -6.33 5.78
CA SER E 282 19.06 -5.11 6.43
C SER E 282 19.49 -5.47 7.85
N PHE E 283 20.22 -4.55 8.47
CA PHE E 283 20.73 -4.75 9.81
C PHE E 283 19.99 -3.84 10.76
N SER E 284 20.10 -4.12 12.06
CA SER E 284 19.65 -3.17 13.06
C SER E 284 20.80 -2.22 13.45
N LYS E 285 20.50 -1.30 14.37
CA LYS E 285 21.49 -0.27 14.71
C LYS E 285 22.72 -0.85 15.40
N SER E 286 22.52 -1.75 16.35
CA SER E 286 23.66 -2.35 17.02
C SER E 286 24.35 -3.41 16.19
N GLY E 287 23.68 -3.93 15.15
CA GLY E 287 24.22 -4.98 14.30
C GLY E 287 24.02 -6.40 14.79
N ARG E 288 23.36 -6.59 15.93
CA ARG E 288 23.17 -7.93 16.47
C ARG E 288 21.88 -8.57 15.97
N LEU E 289 21.19 -7.92 15.05
CA LEU E 289 20.10 -8.56 14.32
C LEU E 289 20.28 -8.34 12.83
N LEU E 290 20.20 -9.42 12.05
CA LEU E 290 20.13 -9.34 10.60
C LEU E 290 18.72 -9.70 10.18
N LEU E 291 17.96 -8.71 9.75
CA LEU E 291 16.57 -8.94 9.39
C LEU E 291 16.48 -9.18 7.89
N ALA E 292 16.02 -10.37 7.52
CA ALA E 292 16.01 -10.81 6.12
C ALA E 292 14.61 -11.27 5.75
N GLY E 293 14.18 -10.87 4.56
CA GLY E 293 12.88 -11.27 4.04
C GLY E 293 12.98 -12.41 3.04
N TYR E 294 11.95 -13.26 3.03
CA TYR E 294 11.89 -14.38 2.10
C TYR E 294 10.56 -14.39 1.34
N ASP E 295 10.42 -15.39 0.47
CA ASP E 295 9.19 -15.63 -0.26
C ASP E 295 8.24 -16.58 0.47
N ASP E 296 8.71 -17.29 1.49
CA ASP E 296 7.85 -18.14 2.31
C ASP E 296 6.90 -17.34 3.18
N PHE E 297 6.86 -16.03 3.00
CA PHE E 297 5.94 -15.07 3.59
C PHE E 297 6.44 -14.52 4.92
N ASN E 298 7.58 -14.98 5.42
CA ASN E 298 8.09 -14.62 6.73
C ASN E 298 9.22 -13.61 6.62
N CYS E 299 9.21 -12.63 7.52
CA CYS E 299 10.29 -11.65 7.64
C CYS E 299 11.17 -12.07 8.81
N ASN E 300 12.04 -13.02 8.58
CA ASN E 300 12.76 -13.62 9.69
C ASN E 300 13.85 -12.68 10.20
N VAL E 301 14.16 -12.81 11.48
CA VAL E 301 15.22 -12.06 12.14
C VAL E 301 16.26 -13.07 12.59
N TRP E 302 17.48 -12.88 12.12
CA TRP E 302 18.59 -13.76 12.40
C TRP E 302 19.48 -13.14 13.45
N ASP E 303 20.06 -13.99 14.29
CA ASP E 303 21.18 -13.59 15.11
C ASP E 303 22.41 -13.47 14.21
N ALA E 304 22.74 -12.24 13.80
CA ALA E 304 23.60 -12.03 12.65
C ALA E 304 25.02 -12.52 12.90
N LEU E 305 25.36 -12.86 14.13
CA LEU E 305 26.71 -13.31 14.44
C LEU E 305 26.82 -14.83 14.54
N LYS E 306 25.71 -15.54 14.67
CA LYS E 306 25.74 -17.00 14.75
C LYS E 306 25.10 -17.68 13.56
N ALA E 307 24.22 -16.99 12.83
CA ALA E 307 23.44 -17.59 11.75
C ALA E 307 22.69 -18.81 12.23
N ASP E 308 22.28 -18.81 13.49
CA ASP E 308 21.83 -20.01 14.16
C ASP E 308 20.32 -20.20 14.07
N ARG E 309 19.55 -19.21 14.46
CA ARG E 309 18.12 -19.39 14.61
C ARG E 309 17.39 -18.25 13.91
N ALA E 310 16.07 -18.29 14.02
CA ALA E 310 15.22 -17.29 13.41
C ALA E 310 14.05 -16.89 14.31
N GLY E 311 14.18 -15.74 14.99
CA GLY E 311 12.99 -15.11 15.49
C GLY E 311 12.12 -14.72 14.32
N VAL E 312 10.81 -14.73 14.49
CA VAL E 312 9.95 -14.62 13.32
C VAL E 312 8.93 -13.53 13.52
N LEU E 313 8.81 -12.65 12.52
CA LEU E 313 7.73 -11.68 12.42
C LEU E 313 6.66 -12.22 11.46
N ALA E 314 6.04 -13.30 11.87
CA ALA E 314 4.97 -13.90 11.07
C ALA E 314 3.74 -13.00 11.17
N GLY E 315 3.73 -11.97 10.35
CA GLY E 315 2.59 -11.10 10.29
C GLY E 315 2.00 -11.03 8.90
N HIS E 316 2.78 -11.39 7.90
CA HIS E 316 2.44 -11.12 6.51
C HIS E 316 1.85 -12.35 5.84
N ASP E 317 1.05 -12.09 4.80
CA ASP E 317 0.43 -13.14 4.00
C ASP E 317 0.83 -13.07 2.53
N ASN E 318 2.02 -12.57 2.23
CA ASN E 318 2.53 -12.57 0.87
C ASN E 318 4.05 -12.46 0.92
N ARG E 319 4.65 -12.24 -0.25
CA ARG E 319 6.11 -12.19 -0.32
C ARG E 319 6.66 -10.94 0.37
N VAL E 320 7.78 -11.11 1.07
CA VAL E 320 8.52 -9.99 1.63
C VAL E 320 9.27 -9.29 0.51
N SER E 321 9.41 -7.97 0.60
CA SER E 321 10.17 -7.23 -0.40
C SER E 321 11.20 -6.25 0.16
N CYS E 322 10.97 -5.66 1.34
CA CYS E 322 11.94 -4.70 1.87
C CYS E 322 11.77 -4.56 3.36
N LEU E 323 12.83 -4.10 4.03
CA LEU E 323 12.74 -3.89 5.47
C LEU E 323 13.95 -3.09 5.95
N GLY E 324 13.72 -2.23 6.94
CA GLY E 324 14.80 -1.36 7.41
C GLY E 324 14.60 -0.92 8.85
N VAL E 325 15.68 -0.35 9.41
CA VAL E 325 15.73 0.11 10.78
C VAL E 325 16.05 1.59 10.81
N THR E 326 15.90 2.19 11.99
CA THR E 326 16.12 3.61 12.20
C THR E 326 17.55 3.88 12.69
N ASP E 327 17.90 5.17 12.71
CA ASP E 327 19.27 5.56 13.07
C ASP E 327 19.52 5.44 14.57
N ASP E 328 18.49 5.54 15.39
CA ASP E 328 18.62 5.30 16.82
C ASP E 328 18.11 3.93 17.21
N GLY E 329 17.69 3.12 16.25
CA GLY E 329 17.25 1.77 16.53
C GLY E 329 15.90 1.66 17.20
N MET E 330 15.08 2.71 17.18
CA MET E 330 13.82 2.64 17.88
C MET E 330 12.88 1.60 17.28
N ALA E 331 12.78 1.55 15.96
CA ALA E 331 11.72 0.77 15.33
C ALA E 331 12.27 0.07 14.11
N VAL E 332 11.58 -0.99 13.69
CA VAL E 332 11.85 -1.62 12.40
C VAL E 332 10.58 -1.62 11.57
N ALA E 333 10.73 -1.44 10.27
CA ALA E 333 9.59 -1.43 9.38
C ALA E 333 9.81 -2.48 8.29
N THR E 334 8.81 -3.34 8.13
CA THR E 334 8.83 -4.36 7.11
C THR E 334 7.74 -4.07 6.10
N GLY E 335 8.06 -4.27 4.83
CA GLY E 335 7.10 -4.08 3.76
C GLY E 335 7.13 -5.25 2.82
N SER E 336 5.94 -5.78 2.56
CA SER E 336 5.77 -7.02 1.81
C SER E 336 4.61 -6.87 0.85
N TRP E 337 4.42 -7.88 0.01
CA TRP E 337 3.54 -7.78 -1.13
C TRP E 337 2.07 -7.67 -0.76
N ASP E 338 1.74 -7.53 0.52
CA ASP E 338 0.35 -7.54 0.97
C ASP E 338 -0.26 -6.15 1.01
N SER E 339 0.43 -5.13 0.51
CA SER E 339 -0.03 -3.74 0.50
C SER E 339 -0.04 -3.12 1.89
N PHE E 340 0.67 -3.69 2.86
CA PHE E 340 0.77 -3.13 4.19
C PHE E 340 2.21 -3.08 4.63
N LEU E 341 2.47 -2.17 5.56
CA LEU E 341 3.78 -1.93 6.14
C LEU E 341 3.63 -1.97 7.65
N LYS E 342 4.57 -2.62 8.34
CA LYS E 342 4.44 -2.77 9.78
C LYS E 342 5.61 -2.15 10.51
N ILE E 343 5.27 -1.37 11.53
CA ILE E 343 6.21 -0.75 12.47
C ILE E 343 6.21 -1.59 13.73
N TRP E 344 7.39 -1.99 14.13
CA TRP E 344 7.60 -3.02 15.12
C TRP E 344 8.59 -2.51 16.16
N ASN E 345 8.33 -2.80 17.43
CA ASN E 345 9.39 -2.74 18.45
C ASN E 345 9.02 -3.50 19.71
#